data_2YYY
#
_entry.id   2YYY
#
_cell.length_a   83.398
_cell.length_b   152.040
_cell.length_c   118.552
_cell.angle_alpha   90.00
_cell.angle_beta   90.00
_cell.angle_gamma   90.00
#
_symmetry.space_group_name_H-M   'C 2 2 21'
#
loop_
_entity.id
_entity.type
_entity.pdbx_description
1 polymer 'Glyceraldehyde-3-phosphate dehydrogenase'
2 non-polymer 'NADP NICOTINAMIDE-ADENINE-DINUCLEOTIDE PHOSPHATE'
3 water water
#
_entity_poly.entity_id   1
_entity_poly.type   'polypeptide(L)'
_entity_poly.pdbx_seq_one_letter_code
;MPAKVLINGYGSIGKRVADAVSMQDDMEVIGVTKTKPDFEARLAVEKGYKLFVAIPDNERVKLFEDAGIPVEGTILDIIE
DADIVVDGAPKKIGKQNLENIYKPHKVKAILQGGEKAKDVEDNFNALWSYNRCYGKDYVRVVSCNTTGLCRILYAINSIA
DIKKARIVLVRRAADPNDDKTGPVNAITPNPVTVPSHHGPDVVSVVPEFEGKILTSAVIVPTTLMHMHTLMVEVDGDVSR
DDILEAIKKTPRIITVRAEDGFSSTAKIIEYGRDLGRLRYDINELVVWEESINVLENEIFLMQAVHQESIVIPENIDCIR
AMLQMEEDNFKSIEKTNKAMGIQ
;
_entity_poly.pdbx_strand_id   A,B
#
# COMPACT_ATOMS: atom_id res chain seq x y z
N PRO A 2 -42.21 -15.20 -4.87
CA PRO A 2 -40.90 -14.50 -4.70
C PRO A 2 -40.61 -13.49 -5.81
N ALA A 3 -39.78 -12.50 -5.50
CA ALA A 3 -39.23 -11.61 -6.51
C ALA A 3 -38.46 -12.40 -7.59
N LYS A 4 -38.69 -12.04 -8.84
CA LYS A 4 -38.08 -12.70 -9.99
C LYS A 4 -36.87 -11.87 -10.41
N VAL A 5 -35.68 -12.40 -10.14
CA VAL A 5 -34.45 -11.66 -10.37
C VAL A 5 -33.70 -12.24 -11.58
N LEU A 6 -33.31 -11.38 -12.51
CA LEU A 6 -32.50 -11.80 -13.65
C LEU A 6 -31.08 -11.32 -13.40
N ILE A 7 -30.09 -12.22 -13.51
CA ILE A 7 -28.70 -11.81 -13.43
C ILE A 7 -28.13 -11.62 -14.83
N ASN A 8 -27.87 -10.38 -15.23
CA ASN A 8 -27.32 -10.08 -16.54
C ASN A 8 -25.83 -9.83 -16.41
N GLY A 9 -25.07 -10.92 -16.59
CA GLY A 9 -23.62 -10.89 -16.50
C GLY A 9 -23.21 -11.78 -15.34
N TYR A 10 -23.10 -13.07 -15.64
CA TYR A 10 -22.73 -14.12 -14.71
C TYR A 10 -21.20 -14.14 -14.53
N GLY A 11 -20.65 -13.06 -13.94
CA GLY A 11 -19.20 -12.92 -13.76
C GLY A 11 -18.83 -12.92 -12.27
N SER A 12 -17.72 -12.28 -11.89
CA SER A 12 -17.29 -12.36 -10.47
C SER A 12 -18.38 -11.92 -9.51
N ILE A 13 -18.99 -10.77 -9.82
CA ILE A 13 -20.16 -10.32 -9.07
C ILE A 13 -21.43 -11.15 -9.36
N GLY A 14 -21.76 -11.26 -10.65
CA GLY A 14 -22.98 -11.92 -11.10
C GLY A 14 -23.19 -13.32 -10.54
N LYS A 15 -22.15 -14.15 -10.57
CA LYS A 15 -22.31 -15.54 -10.15
C LYS A 15 -22.57 -15.63 -8.65
N ARG A 16 -22.01 -14.67 -7.91
CA ARG A 16 -22.20 -14.62 -6.47
C ARG A 16 -23.58 -14.13 -6.08
N VAL A 17 -24.03 -13.07 -6.74
CA VAL A 17 -25.40 -12.57 -6.51
C VAL A 17 -26.41 -13.67 -6.89
N ALA A 18 -26.15 -14.42 -7.96
CA ALA A 18 -27.10 -15.49 -8.34
C ALA A 18 -27.28 -16.43 -7.14
N ASP A 19 -26.18 -16.88 -6.55
CA ASP A 19 -26.24 -17.86 -5.45
C ASP A 19 -26.85 -17.18 -4.21
N ALA A 20 -26.54 -15.90 -4.00
CA ALA A 20 -27.03 -15.20 -2.82
C ALA A 20 -28.55 -15.00 -2.91
N VAL A 21 -29.04 -14.69 -4.10
CA VAL A 21 -30.49 -14.63 -4.34
C VAL A 21 -31.17 -16.00 -4.09
N SER A 22 -30.59 -17.06 -4.65
CA SER A 22 -31.11 -18.41 -4.44
C SER A 22 -31.21 -18.80 -2.96
N MET A 23 -30.28 -18.30 -2.15
CA MET A 23 -30.30 -18.59 -0.71
C MET A 23 -31.46 -17.90 0.04
N GLN A 24 -31.99 -16.82 -0.52
CA GLN A 24 -33.11 -16.10 0.13
C GLN A 24 -34.40 -16.88 0.03
N ASP A 25 -35.33 -16.66 0.98
CA ASP A 25 -36.63 -17.31 0.88
C ASP A 25 -37.69 -16.51 0.10
N ASP A 26 -37.34 -15.26 -0.28
CA ASP A 26 -38.29 -14.37 -0.92
C ASP A 26 -37.90 -13.86 -2.31
N MET A 27 -36.93 -14.52 -2.94
CA MET A 27 -36.56 -14.17 -4.31
C MET A 27 -35.96 -15.39 -4.99
N GLU A 28 -35.91 -15.37 -6.31
CA GLU A 28 -35.41 -16.51 -7.07
C GLU A 28 -34.80 -15.99 -8.35
N VAL A 29 -33.84 -16.75 -8.88
CA VAL A 29 -33.15 -16.38 -10.11
C VAL A 29 -33.90 -16.98 -11.28
N ILE A 30 -34.42 -16.14 -12.17
CA ILE A 30 -35.15 -16.65 -13.35
C ILE A 30 -34.22 -16.85 -14.56
N GLY A 31 -32.99 -16.39 -14.43
CA GLY A 31 -32.04 -16.60 -15.52
C GLY A 31 -30.74 -15.93 -15.17
N VAL A 32 -29.65 -16.45 -15.75
CA VAL A 32 -28.34 -15.77 -15.69
C VAL A 32 -27.83 -15.68 -17.11
N THR A 33 -26.96 -14.71 -17.41
CA THR A 33 -26.46 -14.56 -18.77
C THR A 33 -24.93 -14.56 -18.89
N LYS A 34 -24.48 -14.98 -20.06
CA LYS A 34 -23.07 -15.06 -20.41
C LYS A 34 -22.91 -14.58 -21.86
N THR A 35 -21.71 -14.17 -22.26
CA THR A 35 -21.47 -13.95 -23.70
C THR A 35 -20.59 -15.05 -24.29
N LYS A 36 -19.80 -15.72 -23.45
CA LYS A 36 -18.90 -16.80 -23.91
C LYS A 36 -19.29 -18.15 -23.41
N PRO A 37 -19.29 -19.15 -24.32
CA PRO A 37 -19.61 -20.55 -23.97
C PRO A 37 -18.46 -21.28 -23.26
N ASP A 38 -18.11 -20.83 -22.05
CA ASP A 38 -16.90 -21.31 -21.36
C ASP A 38 -17.26 -22.15 -20.13
N PHE A 39 -16.29 -22.54 -19.31
CA PHE A 39 -16.57 -23.44 -18.20
C PHE A 39 -17.47 -22.80 -17.17
N GLU A 40 -17.51 -21.47 -17.15
CA GLU A 40 -18.40 -20.77 -16.21
C GLU A 40 -19.86 -20.83 -16.68
N ALA A 41 -20.06 -20.72 -17.98
CA ALA A 41 -21.40 -20.95 -18.56
C ALA A 41 -21.84 -22.38 -18.26
N ARG A 42 -20.95 -23.35 -18.41
CA ARG A 42 -21.30 -24.75 -18.11
C ARG A 42 -21.66 -24.92 -16.64
N LEU A 43 -20.88 -24.32 -15.77
CA LEU A 43 -21.15 -24.38 -14.36
C LEU A 43 -22.53 -23.79 -13.99
N ALA A 44 -22.90 -22.68 -14.61
CA ALA A 44 -24.25 -22.12 -14.39
C ALA A 44 -25.34 -23.15 -14.66
N VAL A 45 -25.20 -23.86 -15.79
CA VAL A 45 -26.23 -24.84 -16.16
C VAL A 45 -26.24 -26.01 -15.17
N GLU A 46 -25.05 -26.48 -14.80
CA GLU A 46 -24.93 -27.59 -13.84
C GLU A 46 -25.50 -27.22 -12.47
N LYS A 47 -25.43 -25.93 -12.12
CA LYS A 47 -26.00 -25.45 -10.87
C LYS A 47 -27.53 -25.37 -10.94
N GLY A 48 -28.08 -25.48 -12.13
CA GLY A 48 -29.52 -25.47 -12.29
C GLY A 48 -30.11 -24.16 -12.76
N TYR A 49 -29.26 -23.15 -13.00
CA TYR A 49 -29.76 -21.89 -13.54
C TYR A 49 -30.15 -22.03 -15.01
N LYS A 50 -31.18 -21.31 -15.42
CA LYS A 50 -31.47 -21.14 -16.82
C LYS A 50 -30.47 -20.16 -17.43
N LEU A 51 -29.80 -20.58 -18.49
CA LEU A 51 -28.75 -19.75 -19.10
C LEU A 51 -29.24 -19.07 -20.37
N PHE A 52 -29.07 -17.76 -20.43
CA PHE A 52 -29.38 -16.97 -21.63
C PHE A 52 -28.11 -16.28 -22.12
N VAL A 53 -28.07 -16.00 -23.42
CA VAL A 53 -26.96 -15.26 -24.02
C VAL A 53 -27.22 -13.77 -23.75
N ALA A 54 -26.21 -13.08 -23.25
CA ALA A 54 -26.38 -11.71 -22.71
C ALA A 54 -26.59 -10.73 -23.84
N ILE A 55 -26.05 -11.05 -25.02
CA ILE A 55 -26.16 -10.14 -26.15
C ILE A 55 -27.20 -10.77 -27.11
N PRO A 56 -28.14 -9.96 -27.61
CA PRO A 56 -29.19 -10.47 -28.48
C PRO A 56 -28.65 -10.73 -29.90
N ASP A 57 -27.94 -11.83 -30.06
CA ASP A 57 -27.21 -12.12 -31.29
C ASP A 57 -27.41 -13.60 -31.55
N ASN A 58 -28.08 -13.92 -32.65
CA ASN A 58 -28.46 -15.28 -32.94
C ASN A 58 -27.26 -16.11 -33.30
N GLU A 59 -26.24 -15.47 -33.87
CA GLU A 59 -25.00 -16.16 -34.15
C GLU A 59 -24.30 -16.58 -32.86
N ARG A 60 -24.36 -15.74 -31.84
CA ARG A 60 -23.77 -16.09 -30.56
C ARG A 60 -24.54 -17.24 -29.87
N VAL A 61 -25.87 -17.23 -29.96
CA VAL A 61 -26.64 -18.35 -29.43
C VAL A 61 -26.12 -19.67 -30.06
N LYS A 62 -25.90 -19.65 -31.37
CA LYS A 62 -25.49 -20.88 -32.09
C LYS A 62 -24.13 -21.36 -31.60
N LEU A 63 -23.23 -20.42 -31.32
CA LEU A 63 -21.93 -20.73 -30.68
C LEU A 63 -22.08 -21.57 -29.39
N PHE A 64 -23.03 -21.19 -28.52
CA PHE A 64 -23.28 -21.94 -27.30
C PHE A 64 -23.83 -23.32 -27.64
N GLU A 65 -24.81 -23.38 -28.55
CA GLU A 65 -25.39 -24.66 -28.94
C GLU A 65 -24.33 -25.61 -29.52
N ASP A 66 -23.42 -25.07 -30.31
CA ASP A 66 -22.33 -25.86 -30.92
C ASP A 66 -21.32 -26.36 -29.89
N ALA A 67 -21.15 -25.57 -28.82
CA ALA A 67 -20.24 -25.89 -27.73
C ALA A 67 -20.92 -26.87 -26.79
N GLY A 68 -22.17 -27.22 -27.10
CA GLY A 68 -22.94 -28.19 -26.31
C GLY A 68 -23.41 -27.62 -24.97
N ILE A 69 -23.55 -26.29 -24.89
CA ILE A 69 -24.14 -25.69 -23.69
C ILE A 69 -25.59 -25.25 -23.96
N PRO A 70 -26.55 -25.84 -23.24
CA PRO A 70 -27.96 -25.50 -23.42
C PRO A 70 -28.23 -24.03 -23.04
N VAL A 71 -28.83 -23.31 -23.98
CA VAL A 71 -29.26 -21.95 -23.69
C VAL A 71 -30.76 -21.82 -23.97
N GLU A 72 -31.39 -20.90 -23.24
CA GLU A 72 -32.82 -20.73 -23.26
C GLU A 72 -33.24 -19.62 -24.21
N GLY A 73 -32.26 -18.97 -24.82
CA GLY A 73 -32.47 -17.80 -25.64
C GLY A 73 -31.49 -16.70 -25.27
N THR A 74 -31.88 -15.46 -25.52
CA THR A 74 -31.03 -14.28 -25.27
C THR A 74 -31.66 -13.47 -24.14
N ILE A 75 -30.96 -12.43 -23.70
CA ILE A 75 -31.49 -11.47 -22.73
C ILE A 75 -32.93 -11.04 -23.10
N LEU A 76 -33.21 -10.86 -24.40
CA LEU A 76 -34.54 -10.36 -24.80
C LEU A 76 -35.68 -11.37 -24.57
N ASP A 77 -35.32 -12.66 -24.43
CA ASP A 77 -36.31 -13.68 -24.18
C ASP A 77 -36.70 -13.80 -22.70
N ILE A 78 -36.01 -13.10 -21.81
CA ILE A 78 -36.27 -13.26 -20.38
C ILE A 78 -36.55 -11.91 -19.68
N ILE A 79 -36.11 -10.82 -20.31
CA ILE A 79 -36.08 -9.49 -19.68
C ILE A 79 -37.48 -9.08 -19.17
N GLU A 80 -38.50 -9.48 -19.92
CA GLU A 80 -39.89 -9.09 -19.61
C GLU A 80 -40.47 -9.86 -18.43
N ASP A 81 -39.86 -10.99 -18.08
CA ASP A 81 -40.32 -11.76 -16.93
C ASP A 81 -39.71 -11.29 -15.61
N ALA A 82 -38.72 -10.41 -15.67
CA ALA A 82 -38.02 -10.01 -14.43
C ALA A 82 -38.73 -8.89 -13.68
N ASP A 83 -38.77 -9.00 -12.35
CA ASP A 83 -39.11 -7.90 -11.46
C ASP A 83 -37.97 -6.89 -11.38
N ILE A 84 -36.75 -7.42 -11.46
CA ILE A 84 -35.55 -6.57 -11.39
C ILE A 84 -34.41 -7.29 -12.11
N VAL A 85 -33.49 -6.52 -12.67
CA VAL A 85 -32.23 -7.07 -13.23
C VAL A 85 -31.07 -6.65 -12.37
N VAL A 86 -30.25 -7.62 -11.99
CA VAL A 86 -28.98 -7.25 -11.39
C VAL A 86 -27.99 -7.29 -12.54
N ASP A 87 -27.46 -6.12 -12.92
CA ASP A 87 -26.46 -6.09 -13.98
C ASP A 87 -25.08 -6.44 -13.37
N GLY A 88 -24.38 -7.42 -13.97
CA GLY A 88 -23.03 -7.80 -13.56
C GLY A 88 -22.01 -7.62 -14.69
N ALA A 89 -22.33 -6.71 -15.61
CA ALA A 89 -21.55 -6.52 -16.85
C ALA A 89 -20.26 -5.75 -16.56
N PRO A 90 -19.25 -5.81 -17.43
CA PRO A 90 -18.01 -5.06 -17.20
C PRO A 90 -18.27 -3.54 -17.12
N LYS A 91 -17.33 -2.83 -16.50
CA LYS A 91 -17.43 -1.37 -16.33
C LYS A 91 -17.71 -0.69 -17.70
N LYS A 92 -18.65 0.26 -17.72
CA LYS A 92 -19.17 0.96 -18.92
C LYS A 92 -20.33 0.22 -19.57
N ILE A 93 -20.30 -1.11 -19.51
CA ILE A 93 -21.33 -1.90 -20.15
C ILE A 93 -22.65 -1.90 -19.34
N GLY A 94 -22.55 -1.74 -18.03
CA GLY A 94 -23.77 -1.59 -17.21
C GLY A 94 -24.64 -0.41 -17.69
N LYS A 95 -24.00 0.73 -17.95
CA LYS A 95 -24.71 1.92 -18.43
C LYS A 95 -25.28 1.68 -19.82
N GLN A 96 -24.51 1.04 -20.68
CA GLN A 96 -25.03 0.62 -22.00
C GLN A 96 -26.29 -0.23 -21.85
N ASN A 97 -26.22 -1.27 -21.00
CA ASN A 97 -27.39 -2.09 -20.79
C ASN A 97 -28.55 -1.27 -20.22
N LEU A 98 -28.26 -0.32 -19.33
CA LEU A 98 -29.34 0.49 -18.75
C LEU A 98 -30.12 1.23 -19.86
N GLU A 99 -29.37 1.90 -20.70
CA GLU A 99 -29.96 2.73 -21.77
C GLU A 99 -30.53 1.91 -22.93
N ASN A 100 -29.86 0.80 -23.29
CA ASN A 100 -30.31 -0.02 -24.43
C ASN A 100 -31.37 -1.06 -24.11
N ILE A 101 -31.37 -1.57 -22.88
CA ILE A 101 -32.24 -2.69 -22.52
C ILE A 101 -33.18 -2.41 -21.35
N TYR A 102 -32.63 -2.03 -20.20
CA TYR A 102 -33.46 -1.95 -18.99
C TYR A 102 -34.55 -0.88 -19.13
N LYS A 103 -34.12 0.30 -19.55
CA LYS A 103 -35.05 1.43 -19.70
C LYS A 103 -36.10 1.21 -20.81
N PRO A 104 -35.72 0.79 -22.03
CA PRO A 104 -36.71 0.46 -23.05
C PRO A 104 -37.69 -0.62 -22.62
N HIS A 105 -37.27 -1.60 -21.81
CA HIS A 105 -38.20 -2.60 -21.31
C HIS A 105 -38.92 -2.24 -20.00
N LYS A 106 -38.68 -1.03 -19.50
CA LYS A 106 -39.29 -0.54 -18.27
C LYS A 106 -39.12 -1.53 -17.13
N VAL A 107 -37.90 -2.05 -16.94
CA VAL A 107 -37.64 -2.96 -15.82
C VAL A 107 -36.60 -2.31 -14.92
N LYS A 108 -36.79 -2.48 -13.61
CA LYS A 108 -35.86 -1.97 -12.60
C LYS A 108 -34.51 -2.66 -12.78
N ALA A 109 -33.42 -1.93 -12.52
CA ALA A 109 -32.09 -2.54 -12.62
C ALA A 109 -31.09 -1.98 -11.63
N ILE A 110 -30.19 -2.86 -11.17
CA ILE A 110 -29.08 -2.44 -10.31
C ILE A 110 -27.80 -2.48 -11.12
N LEU A 111 -27.01 -1.41 -11.07
CA LEU A 111 -25.67 -1.42 -11.66
C LEU A 111 -24.64 -1.55 -10.55
N GLN A 112 -23.47 -2.08 -10.90
CA GLN A 112 -22.40 -2.26 -9.92
C GLN A 112 -21.46 -1.01 -9.84
N GLY A 113 -20.45 -1.10 -8.96
CA GLY A 113 -19.67 0.06 -8.55
C GLY A 113 -18.81 0.70 -9.64
N GLY A 114 -18.53 -0.01 -10.74
CA GLY A 114 -17.73 0.55 -11.84
C GLY A 114 -18.48 1.58 -12.71
N GLU A 115 -19.80 1.60 -12.61
CA GLU A 115 -20.60 2.60 -13.30
C GLU A 115 -20.58 3.92 -12.48
N LYS A 116 -21.18 4.99 -13.01
CA LYS A 116 -21.07 6.29 -12.34
C LYS A 116 -22.26 6.58 -11.43
N ALA A 117 -22.01 7.35 -10.37
CA ALA A 117 -23.11 7.93 -9.58
C ALA A 117 -24.12 8.62 -10.47
N LYS A 118 -23.66 9.33 -11.48
CA LYS A 118 -24.55 10.12 -12.34
C LYS A 118 -25.39 9.27 -13.33
N ASP A 119 -25.03 8.00 -13.49
CA ASP A 119 -25.73 7.08 -14.39
C ASP A 119 -27.09 6.58 -13.87
N VAL A 120 -27.34 6.75 -12.57
CA VAL A 120 -28.42 6.10 -11.85
C VAL A 120 -29.16 7.11 -11.00
N GLU A 121 -30.24 6.65 -10.37
CA GLU A 121 -31.02 7.54 -9.53
C GLU A 121 -30.39 7.75 -8.16
N ASP A 122 -29.70 6.74 -7.64
CA ASP A 122 -29.05 6.90 -6.33
C ASP A 122 -28.07 5.73 -6.13
N ASN A 123 -27.38 5.76 -4.98
CA ASN A 123 -26.23 4.92 -4.72
C ASN A 123 -26.40 4.21 -3.40
N PHE A 124 -26.19 2.90 -3.42
CA PHE A 124 -26.66 2.00 -2.36
C PHE A 124 -25.61 1.45 -1.42
N ASN A 125 -25.85 1.67 -0.13
CA ASN A 125 -25.28 0.84 0.94
C ASN A 125 -26.37 0.63 1.98
N ALA A 126 -26.49 -0.59 2.50
CA ALA A 126 -27.67 -0.95 3.29
C ALA A 126 -27.75 -0.15 4.63
N LEU A 127 -26.59 0.30 5.13
CA LEU A 127 -26.56 1.03 6.40
C LEU A 127 -26.92 2.53 6.25
N TRP A 128 -26.76 3.08 5.05
CA TRP A 128 -26.86 4.55 4.87
C TRP A 128 -28.04 4.95 3.96
N SER A 129 -28.22 4.24 2.84
CA SER A 129 -29.12 4.79 1.82
C SER A 129 -30.23 3.85 1.38
N TYR A 130 -30.51 2.83 2.19
CA TYR A 130 -31.62 1.92 1.94
C TYR A 130 -32.93 2.71 1.79
N ASN A 131 -33.20 3.60 2.74
CA ASN A 131 -34.43 4.40 2.65
C ASN A 131 -34.46 5.30 1.44
N ARG A 132 -33.35 5.97 1.14
CA ARG A 132 -33.29 6.79 -0.05
C ARG A 132 -33.51 5.97 -1.34
N CYS A 133 -33.02 4.73 -1.38
CA CYS A 133 -33.24 3.89 -2.55
C CYS A 133 -34.58 3.19 -2.59
N TYR A 134 -35.40 3.32 -1.53
CA TYR A 134 -36.67 2.60 -1.47
C TYR A 134 -37.61 2.91 -2.63
N GLY A 135 -37.99 1.86 -3.36
CA GLY A 135 -38.90 2.00 -4.50
C GLY A 135 -38.31 2.64 -5.75
N LYS A 136 -37.01 2.93 -5.72
CA LYS A 136 -36.33 3.48 -6.90
C LYS A 136 -36.22 2.44 -8.02
N ASP A 137 -35.98 2.94 -9.22
CA ASP A 137 -35.96 2.10 -10.40
C ASP A 137 -34.56 1.70 -10.82
N TYR A 138 -33.61 2.63 -10.71
CA TYR A 138 -32.23 2.43 -11.20
C TYR A 138 -31.24 2.89 -10.17
N VAL A 139 -30.50 1.96 -9.58
CA VAL A 139 -29.63 2.26 -8.47
C VAL A 139 -28.29 1.58 -8.73
N ARG A 140 -27.24 2.22 -8.24
CA ARG A 140 -25.90 1.67 -8.30
C ARG A 140 -25.51 1.14 -6.93
N VAL A 141 -25.15 -0.13 -6.87
CA VAL A 141 -24.53 -0.65 -5.65
C VAL A 141 -23.05 -0.31 -5.77
N VAL A 142 -22.56 0.44 -4.79
CA VAL A 142 -21.26 1.05 -4.90
C VAL A 142 -20.13 0.00 -4.80
N SER A 143 -18.91 0.42 -5.11
CA SER A 143 -17.78 -0.50 -5.24
C SER A 143 -17.41 -1.20 -3.93
N CYS A 144 -16.54 -2.20 -4.06
CA CYS A 144 -15.96 -2.90 -2.91
C CYS A 144 -15.36 -1.90 -1.91
N ASN A 145 -14.51 -1.00 -2.38
CA ASN A 145 -13.84 -0.02 -1.51
C ASN A 145 -14.83 0.93 -0.82
N THR A 146 -15.76 1.45 -1.60
CA THR A 146 -16.76 2.35 -1.09
C THR A 146 -17.65 1.63 -0.09
N THR A 147 -17.98 0.38 -0.39
CA THR A 147 -18.80 -0.40 0.51
C THR A 147 -18.08 -0.57 1.85
N GLY A 148 -16.80 -0.96 1.82
CA GLY A 148 -16.02 -1.12 3.05
C GLY A 148 -15.94 0.20 3.82
N LEU A 149 -15.63 1.27 3.12
CA LEU A 149 -15.55 2.58 3.81
C LEU A 149 -16.87 2.95 4.43
N CYS A 150 -17.97 2.71 3.70
CA CYS A 150 -19.30 3.04 4.25
C CYS A 150 -19.59 2.35 5.59
N ARG A 151 -19.19 1.08 5.70
CA ARG A 151 -19.43 0.32 6.93
C ARG A 151 -18.61 0.85 8.09
N ILE A 152 -17.30 1.00 7.91
CA ILE A 152 -16.47 1.49 9.04
C ILE A 152 -16.86 2.93 9.45
N LEU A 153 -17.24 3.74 8.47
CA LEU A 153 -17.67 5.11 8.75
C LEU A 153 -19.01 5.12 9.49
N TYR A 154 -19.89 4.17 9.18
CA TYR A 154 -21.13 4.00 9.94
C TYR A 154 -20.80 3.66 11.41
N ALA A 155 -19.90 2.70 11.62
CA ALA A 155 -19.46 2.32 12.97
C ALA A 155 -18.96 3.54 13.77
N ILE A 156 -18.04 4.29 13.18
CA ILE A 156 -17.47 5.49 13.81
C ILE A 156 -18.55 6.56 14.05
N ASN A 157 -19.32 6.87 13.02
CA ASN A 157 -20.44 7.82 13.14
C ASN A 157 -21.44 7.48 14.27
N SER A 158 -21.63 6.19 14.55
CA SER A 158 -22.55 5.77 15.59
C SER A 158 -22.14 6.25 17.00
N ILE A 159 -20.87 6.63 17.17
CA ILE A 159 -20.38 6.98 18.50
C ILE A 159 -19.75 8.38 18.57
N ALA A 160 -19.50 8.99 17.41
CA ALA A 160 -18.90 10.33 17.33
C ALA A 160 -19.17 10.93 15.97
N ASP A 161 -19.11 12.25 15.87
CA ASP A 161 -19.35 12.88 14.58
C ASP A 161 -18.02 12.95 13.87
N ILE A 162 -18.02 12.59 12.59
CA ILE A 162 -16.77 12.62 11.81
C ILE A 162 -16.45 14.03 11.33
N LYS A 163 -15.21 14.43 11.54
CA LYS A 163 -14.71 15.73 11.08
C LYS A 163 -13.89 15.57 9.80
N LYS A 164 -12.94 14.63 9.80
CA LYS A 164 -12.15 14.39 8.60
C LYS A 164 -11.67 12.93 8.59
N ALA A 165 -11.97 12.21 7.52
CA ALA A 165 -11.50 10.82 7.43
C ALA A 165 -10.45 10.77 6.33
N ARG A 166 -9.24 10.34 6.70
CA ARG A 166 -8.11 10.26 5.78
C ARG A 166 -7.80 8.80 5.57
N ILE A 167 -7.89 8.36 4.32
CA ILE A 167 -7.81 6.93 4.02
C ILE A 167 -6.81 6.69 2.90
N VAL A 168 -5.98 5.66 3.05
CA VAL A 168 -5.13 5.24 1.95
C VAL A 168 -5.57 3.81 1.60
N LEU A 169 -5.79 3.57 0.33
CA LEU A 169 -6.30 2.30 -0.14
C LEU A 169 -5.17 1.60 -0.86
N VAL A 170 -4.85 0.38 -0.40
CA VAL A 170 -3.81 -0.43 -1.03
C VAL A 170 -4.53 -1.56 -1.72
N ARG A 171 -4.68 -1.41 -3.04
CA ARG A 171 -5.64 -2.22 -3.79
C ARG A 171 -4.98 -3.41 -4.49
N ARG A 172 -5.72 -4.52 -4.61
CA ARG A 172 -5.20 -5.70 -5.33
C ARG A 172 -5.15 -5.42 -6.83
N ALA A 173 -4.17 -5.99 -7.51
CA ALA A 173 -4.00 -5.79 -8.96
C ALA A 173 -5.00 -6.54 -9.83
N ALA A 174 -5.28 -7.80 -9.45
CA ALA A 174 -6.07 -8.71 -10.27
C ALA A 174 -6.85 -9.64 -9.36
N ASP A 175 -8.13 -9.90 -9.65
CA ASP A 175 -8.81 -11.00 -8.95
C ASP A 175 -8.10 -12.34 -9.23
N PRO A 176 -8.22 -13.32 -8.32
CA PRO A 176 -7.51 -14.62 -8.45
C PRO A 176 -7.66 -15.29 -9.84
N ASN A 177 -8.84 -15.19 -10.43
CA ASN A 177 -9.08 -15.81 -11.74
C ASN A 177 -8.34 -15.10 -12.89
N ASP A 178 -7.96 -13.85 -12.66
CA ASP A 178 -7.44 -12.99 -13.71
C ASP A 178 -5.95 -13.27 -13.89
N ASP A 179 -5.60 -13.91 -15.01
CA ASP A 179 -4.21 -14.27 -15.28
C ASP A 179 -3.54 -13.37 -16.35
N LYS A 180 -4.18 -12.24 -16.65
CA LYS A 180 -3.70 -11.29 -17.66
C LYS A 180 -3.31 -9.91 -17.12
N THR A 181 -3.87 -9.50 -15.99
CA THR A 181 -3.65 -8.12 -15.51
C THR A 181 -2.47 -8.05 -14.52
N GLY A 182 -1.51 -7.14 -14.75
CA GLY A 182 -0.44 -6.83 -13.81
C GLY A 182 -0.82 -5.68 -12.87
N PRO A 183 0.15 -5.08 -12.17
CA PRO A 183 1.58 -5.37 -12.28
C PRO A 183 2.07 -6.63 -11.56
N VAL A 184 3.06 -7.30 -12.15
CA VAL A 184 3.80 -8.38 -11.50
C VAL A 184 4.70 -7.84 -10.38
N ASN A 185 5.35 -6.70 -10.61
CA ASN A 185 6.30 -6.20 -9.62
C ASN A 185 6.40 -4.69 -9.69
N ALA A 186 5.42 -4.01 -9.11
CA ALA A 186 5.47 -2.54 -9.02
C ALA A 186 4.45 -2.09 -7.99
N ILE A 187 4.54 -0.83 -7.55
CA ILE A 187 3.42 -0.19 -6.87
C ILE A 187 2.99 0.91 -7.84
N THR A 188 1.69 0.95 -8.11
CA THR A 188 1.13 1.84 -9.13
C THR A 188 0.16 2.84 -8.51
N PRO A 189 0.50 4.13 -8.53
CA PRO A 189 -0.46 5.15 -8.11
C PRO A 189 -1.74 5.01 -8.92
N ASN A 190 -2.89 4.98 -8.26
CA ASN A 190 -4.16 4.80 -8.99
C ASN A 190 -5.34 5.40 -8.27
N PRO A 191 -5.62 6.68 -8.52
CA PRO A 191 -4.92 7.51 -9.51
C PRO A 191 -3.65 8.15 -8.94
N VAL A 192 -2.88 8.86 -9.78
CA VAL A 192 -1.74 9.66 -9.31
C VAL A 192 -2.23 10.89 -8.51
N THR A 193 -3.48 11.29 -8.74
CA THR A 193 -3.96 12.52 -8.11
C THR A 193 -4.45 12.25 -6.68
N VAL A 194 -4.24 13.25 -5.82
CA VAL A 194 -4.62 13.15 -4.42
C VAL A 194 -5.20 14.49 -4.00
N PRO A 195 -6.34 14.53 -3.29
CA PRO A 195 -7.16 13.34 -3.00
C PRO A 195 -7.80 12.76 -4.23
N SER A 196 -8.12 11.46 -4.13
CA SER A 196 -8.61 10.71 -5.28
C SER A 196 -10.14 10.65 -5.29
N HIS A 197 -10.68 10.10 -6.37
CA HIS A 197 -12.13 9.98 -6.55
C HIS A 197 -12.79 9.05 -5.52
N HIS A 198 -12.01 8.20 -4.86
CA HIS A 198 -12.58 7.28 -3.86
C HIS A 198 -13.39 8.01 -2.76
N GLY A 199 -12.94 9.18 -2.35
CA GLY A 199 -13.64 9.95 -1.31
C GLY A 199 -15.02 10.41 -1.75
N PRO A 200 -15.07 11.17 -2.86
CA PRO A 200 -16.36 11.56 -3.46
C PRO A 200 -17.30 10.40 -3.71
N ASP A 201 -16.78 9.22 -4.05
CA ASP A 201 -17.66 8.05 -4.19
C ASP A 201 -18.43 7.71 -2.90
N VAL A 202 -17.76 7.80 -1.76
CA VAL A 202 -18.40 7.58 -0.47
C VAL A 202 -19.51 8.66 -0.27
N VAL A 203 -19.18 9.90 -0.64
CA VAL A 203 -20.14 11.02 -0.55
C VAL A 203 -21.37 10.79 -1.41
N SER A 204 -21.27 10.04 -2.52
CA SER A 204 -22.47 9.73 -3.31
C SER A 204 -23.51 8.90 -2.50
N VAL A 205 -23.02 8.12 -1.55
CA VAL A 205 -23.87 7.37 -0.60
C VAL A 205 -24.23 8.22 0.62
N VAL A 206 -23.26 8.97 1.13
CA VAL A 206 -23.43 9.77 2.34
C VAL A 206 -23.18 11.24 2.04
N PRO A 207 -24.19 11.96 1.55
CA PRO A 207 -23.98 13.37 1.15
C PRO A 207 -23.42 14.22 2.30
N GLU A 208 -23.72 13.88 3.54
CA GLU A 208 -23.22 14.67 4.68
C GLU A 208 -21.71 14.56 4.92
N PHE A 209 -21.05 13.64 4.21
CA PHE A 209 -19.59 13.52 4.32
C PHE A 209 -18.85 14.42 3.27
N GLU A 210 -19.62 15.24 2.53
CA GLU A 210 -19.01 16.14 1.55
C GLU A 210 -17.91 16.97 2.23
N GLY A 211 -16.74 16.98 1.59
CA GLY A 211 -15.57 17.69 2.09
C GLY A 211 -14.91 17.11 3.33
N LYS A 212 -15.39 15.98 3.84
CA LYS A 212 -14.81 15.39 5.04
C LYS A 212 -14.05 14.08 4.81
N ILE A 213 -13.96 13.63 3.56
CA ILE A 213 -13.32 12.35 3.26
C ILE A 213 -12.14 12.60 2.31
N LEU A 214 -10.94 12.17 2.68
CA LEU A 214 -9.78 12.39 1.84
C LEU A 214 -9.08 11.05 1.55
N THR A 215 -8.96 10.70 0.27
CA THR A 215 -8.42 9.38 -0.07
C THR A 215 -7.21 9.46 -0.99
N SER A 216 -6.37 8.43 -0.92
CA SER A 216 -5.32 8.25 -1.92
C SER A 216 -5.25 6.74 -2.13
N ALA A 217 -4.86 6.33 -3.34
CA ALA A 217 -4.82 4.89 -3.65
C ALA A 217 -3.66 4.45 -4.55
N VAL A 218 -3.20 3.23 -4.31
CA VAL A 218 -2.19 2.59 -5.15
C VAL A 218 -2.68 1.16 -5.45
N ILE A 219 -2.09 0.54 -6.46
CA ILE A 219 -2.34 -0.89 -6.75
C ILE A 219 -1.02 -1.62 -6.47
N VAL A 220 -1.09 -2.82 -5.90
CA VAL A 220 0.12 -3.62 -5.63
C VAL A 220 -0.08 -5.06 -6.15
N PRO A 221 0.99 -5.83 -6.30
CA PRO A 221 0.90 -7.17 -6.85
C PRO A 221 0.33 -8.24 -5.90
N THR A 222 -0.97 -8.16 -5.62
CA THR A 222 -1.65 -9.15 -4.83
C THR A 222 -3.02 -9.36 -5.44
N THR A 223 -3.65 -10.51 -5.19
CA THR A 223 -4.97 -10.78 -5.74
C THR A 223 -6.06 -10.90 -4.68
N LEU A 224 -5.69 -11.05 -3.41
CA LEU A 224 -6.62 -11.61 -2.42
C LEU A 224 -7.67 -10.62 -1.88
N MET A 225 -7.17 -9.50 -1.39
CA MET A 225 -7.97 -8.48 -0.70
C MET A 225 -7.30 -7.11 -0.87
N HIS A 226 -8.12 -6.05 -0.81
CA HIS A 226 -7.58 -4.69 -0.62
C HIS A 226 -7.34 -4.46 0.87
N MET A 227 -6.47 -3.51 1.19
CA MET A 227 -6.33 -3.04 2.57
C MET A 227 -6.59 -1.53 2.58
N HIS A 228 -7.22 -1.05 3.66
CA HIS A 228 -7.40 0.40 3.88
C HIS A 228 -6.77 0.79 5.21
N THR A 229 -6.13 1.96 5.22
CA THR A 229 -5.63 2.52 6.47
C THR A 229 -6.41 3.79 6.74
N LEU A 230 -6.89 3.95 7.97
CA LEU A 230 -7.77 5.06 8.31
C LEU A 230 -7.17 5.88 9.45
N MET A 231 -7.25 7.19 9.29
CA MET A 231 -6.99 8.13 10.37
C MET A 231 -8.14 9.12 10.35
N VAL A 232 -8.96 9.11 11.40
CA VAL A 232 -10.23 9.83 11.37
C VAL A 232 -10.36 10.76 12.59
N GLU A 233 -10.36 12.08 12.32
CA GLU A 233 -10.63 13.06 13.38
C GLU A 233 -12.11 13.09 13.62
N VAL A 234 -12.48 13.07 14.89
CA VAL A 234 -13.87 13.08 15.28
C VAL A 234 -14.11 14.20 16.33
N ASP A 235 -15.38 14.60 16.43
CA ASP A 235 -15.89 15.46 17.52
C ASP A 235 -16.46 14.53 18.58
N GLY A 236 -15.76 14.44 19.70
CA GLY A 236 -16.18 13.51 20.73
C GLY A 236 -15.04 12.86 21.48
N ASP A 237 -15.41 12.23 22.59
CA ASP A 237 -14.47 11.61 23.51
C ASP A 237 -14.81 10.11 23.52
N VAL A 238 -14.29 9.40 22.53
CA VAL A 238 -14.47 7.96 22.50
C VAL A 238 -13.19 7.27 22.91
N SER A 239 -13.33 6.06 23.41
CA SER A 239 -12.21 5.21 23.76
C SER A 239 -12.07 4.10 22.72
N ARG A 240 -10.92 3.44 22.76
CA ARG A 240 -10.68 2.24 21.95
C ARG A 240 -11.79 1.18 22.16
N ASP A 241 -12.25 1.04 23.41
CA ASP A 241 -13.32 0.07 23.74
C ASP A 241 -14.64 0.44 23.07
N ASP A 242 -15.01 1.72 23.10
CA ASP A 242 -16.21 2.18 22.40
C ASP A 242 -16.13 1.87 20.89
N ILE A 243 -14.97 2.14 20.29
CA ILE A 243 -14.79 1.92 18.84
C ILE A 243 -14.89 0.42 18.57
N LEU A 244 -14.21 -0.38 19.37
CA LEU A 244 -14.28 -1.84 19.22
C LEU A 244 -15.70 -2.40 19.35
N GLU A 245 -16.46 -1.86 20.30
CA GLU A 245 -17.85 -2.24 20.53
C GLU A 245 -18.76 -1.84 19.35
N ALA A 246 -18.58 -0.62 18.86
CA ALA A 246 -19.32 -0.10 17.70
C ALA A 246 -19.04 -0.97 16.47
N ILE A 247 -17.78 -1.34 16.26
CA ILE A 247 -17.42 -2.23 15.12
C ILE A 247 -18.06 -3.59 15.26
N LYS A 248 -17.92 -4.20 16.43
CA LYS A 248 -18.61 -5.45 16.72
C LYS A 248 -20.13 -5.35 16.56
N LYS A 249 -20.75 -4.25 17.00
CA LYS A 249 -22.20 -4.07 16.83
C LYS A 249 -22.66 -3.95 15.35
N THR A 250 -21.83 -3.36 14.50
CA THR A 250 -22.25 -3.04 13.13
C THR A 250 -22.33 -4.31 12.27
N PRO A 251 -23.47 -4.59 11.64
CA PRO A 251 -23.53 -5.75 10.74
C PRO A 251 -22.46 -5.70 9.66
N ARG A 252 -21.95 -6.88 9.28
CA ARG A 252 -20.97 -7.01 8.18
C ARG A 252 -19.60 -6.38 8.42
N ILE A 253 -19.24 -6.22 9.69
CA ILE A 253 -17.84 -5.95 10.05
C ILE A 253 -17.47 -7.00 11.08
N ILE A 254 -16.32 -7.64 10.88
CA ILE A 254 -15.79 -8.55 11.89
C ILE A 254 -14.37 -8.11 12.22
N THR A 255 -13.86 -8.57 13.37
CA THR A 255 -12.48 -8.27 13.71
C THR A 255 -11.64 -9.55 13.79
N VAL A 256 -10.35 -9.36 13.52
CA VAL A 256 -9.35 -10.40 13.71
C VAL A 256 -8.20 -9.86 14.50
N ARG A 257 -7.48 -10.78 15.15
CA ARG A 257 -6.38 -10.41 16.00
C ARG A 257 -5.10 -10.95 15.38
N ALA A 258 -4.13 -10.06 15.19
CA ALA A 258 -2.78 -10.46 14.79
C ALA A 258 -2.22 -11.43 15.84
N GLU A 259 -2.64 -11.23 17.09
CA GLU A 259 -2.23 -12.11 18.20
C GLU A 259 -2.68 -13.55 17.98
N ASP A 260 -3.77 -13.72 17.24
CA ASP A 260 -4.30 -15.05 16.97
C ASP A 260 -3.75 -15.68 15.68
N GLY A 261 -2.75 -15.04 15.08
CA GLY A 261 -2.12 -15.58 13.87
C GLY A 261 -2.56 -14.91 12.57
N PHE A 262 -3.39 -13.87 12.65
CA PHE A 262 -3.77 -13.14 11.43
C PHE A 262 -2.72 -12.07 11.08
N SER A 263 -1.64 -12.52 10.46
CA SER A 263 -0.48 -11.68 10.12
C SER A 263 -0.70 -10.88 8.85
N SER A 264 -1.67 -11.27 8.02
CA SER A 264 -1.82 -10.64 6.71
C SER A 264 -3.12 -10.98 6.03
N THR A 265 -3.35 -10.40 4.86
CA THR A 265 -4.57 -10.78 4.14
C THR A 265 -4.59 -12.26 3.71
N ALA A 266 -3.42 -12.87 3.53
CA ALA A 266 -3.39 -14.31 3.23
C ALA A 266 -4.06 -15.15 4.35
N LYS A 267 -3.84 -14.75 5.60
CA LYS A 267 -4.42 -15.46 6.74
C LYS A 267 -5.92 -15.23 6.83
N ILE A 268 -6.38 -14.02 6.52
CA ILE A 268 -7.83 -13.80 6.50
C ILE A 268 -8.52 -14.71 5.48
N ILE A 269 -7.95 -14.79 4.28
CA ILE A 269 -8.51 -15.69 3.25
C ILE A 269 -8.42 -17.16 3.66
N GLU A 270 -7.30 -17.55 4.29
CA GLU A 270 -7.19 -18.94 4.77
C GLU A 270 -8.35 -19.27 5.71
N TYR A 271 -8.69 -18.32 6.58
CA TYR A 271 -9.82 -18.47 7.49
C TYR A 271 -11.14 -18.65 6.70
N GLY A 272 -11.37 -17.80 5.69
CA GLY A 272 -12.52 -17.98 4.81
C GLY A 272 -12.58 -19.37 4.19
N ARG A 273 -11.45 -19.86 3.71
CA ARG A 273 -11.37 -21.19 3.12
C ARG A 273 -11.73 -22.25 4.17
N ASP A 274 -11.06 -22.20 5.32
CA ASP A 274 -11.22 -23.25 6.34
C ASP A 274 -12.60 -23.26 7.00
N LEU A 275 -13.18 -22.07 7.15
CA LEU A 275 -14.55 -21.90 7.65
C LEU A 275 -15.55 -22.63 6.78
N GLY A 276 -15.21 -22.88 5.53
CA GLY A 276 -16.13 -23.52 4.60
C GLY A 276 -16.97 -22.56 3.77
N ARG A 277 -16.54 -21.29 3.69
CA ARG A 277 -17.29 -20.31 2.93
C ARG A 277 -17.31 -20.69 1.46
N LEU A 278 -18.46 -20.56 0.82
CA LEU A 278 -18.54 -20.76 -0.62
C LEU A 278 -17.56 -19.81 -1.35
N ARG A 279 -16.69 -20.37 -2.21
CA ARG A 279 -15.64 -19.60 -2.94
C ARG A 279 -14.62 -18.92 -2.00
N TYR A 280 -14.64 -19.34 -0.73
CA TYR A 280 -13.92 -18.68 0.40
C TYR A 280 -14.39 -17.27 0.78
N ASP A 281 -15.53 -16.85 0.25
CA ASP A 281 -15.93 -15.43 0.33
C ASP A 281 -16.05 -14.98 1.79
N ILE A 282 -15.44 -13.84 2.10
CA ILE A 282 -15.66 -13.16 3.36
C ILE A 282 -16.37 -11.86 2.98
N ASN A 283 -17.70 -11.85 3.09
CA ASN A 283 -18.44 -10.66 2.66
C ASN A 283 -18.31 -9.54 3.69
N GLU A 284 -17.96 -9.91 4.93
CA GLU A 284 -17.74 -8.91 6.00
C GLU A 284 -16.47 -8.07 5.75
N LEU A 285 -16.53 -6.79 6.15
CA LEU A 285 -15.32 -5.97 6.22
C LEU A 285 -14.51 -6.54 7.40
N VAL A 286 -13.19 -6.61 7.30
CA VAL A 286 -12.38 -7.19 8.40
C VAL A 286 -11.42 -6.15 8.99
N VAL A 287 -11.52 -5.91 10.29
CA VAL A 287 -10.67 -4.89 10.93
C VAL A 287 -9.68 -5.60 11.85
N TRP A 288 -8.43 -5.19 11.82
CA TRP A 288 -7.45 -5.74 12.76
C TRP A 288 -7.65 -5.11 14.15
N GLU A 289 -7.94 -5.95 15.14
CA GLU A 289 -8.20 -5.43 16.51
C GLU A 289 -7.07 -4.59 17.07
N GLU A 290 -5.86 -5.08 16.96
CA GLU A 290 -4.69 -4.35 17.45
C GLU A 290 -4.36 -3.03 16.74
N SER A 291 -4.90 -2.85 15.54
CA SER A 291 -4.70 -1.62 14.78
C SER A 291 -5.55 -0.47 15.34
N ILE A 292 -6.60 -0.80 16.07
CA ILE A 292 -7.57 0.20 16.55
C ILE A 292 -6.94 1.03 17.68
N ASN A 293 -6.97 2.34 17.53
CA ASN A 293 -6.36 3.22 18.51
C ASN A 293 -7.06 4.58 18.49
N VAL A 294 -7.01 5.31 19.60
CA VAL A 294 -7.56 6.68 19.66
C VAL A 294 -6.50 7.52 20.36
N LEU A 295 -6.06 8.58 19.71
CA LEU A 295 -5.15 9.55 20.32
C LEU A 295 -5.77 10.90 20.12
N GLU A 296 -6.19 11.54 21.20
CA GLU A 296 -6.64 12.94 21.12
C GLU A 296 -7.68 13.19 20.04
N ASN A 297 -8.83 12.53 20.14
CA ASN A 297 -9.93 12.75 19.21
C ASN A 297 -9.65 12.31 17.78
N GLU A 298 -8.68 11.41 17.60
CA GLU A 298 -8.43 10.84 16.27
C GLU A 298 -8.36 9.31 16.37
N ILE A 299 -9.11 8.63 15.49
CA ILE A 299 -9.23 7.18 15.49
C ILE A 299 -8.33 6.62 14.41
N PHE A 300 -7.59 5.58 14.74
CA PHE A 300 -6.75 4.88 13.77
C PHE A 300 -7.18 3.43 13.66
N LEU A 301 -7.06 2.88 12.45
CA LEU A 301 -7.25 1.44 12.28
C LEU A 301 -6.79 1.02 10.88
N MET A 302 -6.60 -0.27 10.71
CA MET A 302 -6.37 -0.83 9.39
C MET A 302 -7.42 -1.92 9.18
N GLN A 303 -7.88 -2.06 7.93
CA GLN A 303 -8.93 -3.01 7.61
C GLN A 303 -8.71 -3.63 6.22
N ALA A 304 -9.38 -4.73 5.95
CA ALA A 304 -9.20 -5.48 4.70
C ALA A 304 -10.55 -5.82 4.08
N VAL A 305 -10.61 -5.81 2.74
CA VAL A 305 -11.87 -5.94 2.01
C VAL A 305 -11.68 -7.08 1.03
N HIS A 306 -12.54 -8.10 1.11
CA HIS A 306 -12.49 -9.13 0.09
C HIS A 306 -13.32 -8.58 -1.08
N GLN A 307 -12.62 -8.06 -2.08
CA GLN A 307 -13.26 -7.27 -3.10
C GLN A 307 -14.27 -8.08 -3.90
N GLU A 308 -14.03 -9.38 -4.11
CA GLU A 308 -14.96 -10.17 -4.93
C GLU A 308 -16.34 -10.31 -4.27
N SER A 309 -16.40 -10.24 -2.95
CA SER A 309 -17.65 -10.61 -2.27
C SER A 309 -18.31 -9.54 -1.38
N ILE A 310 -17.58 -8.49 -1.04
CA ILE A 310 -18.15 -7.56 -0.05
C ILE A 310 -19.49 -6.94 -0.47
N VAL A 311 -19.70 -6.69 -1.78
CA VAL A 311 -20.95 -6.01 -2.22
C VAL A 311 -22.12 -6.99 -2.48
N ILE A 312 -21.85 -8.29 -2.36
CA ILE A 312 -22.91 -9.25 -2.65
C ILE A 312 -24.17 -9.11 -1.75
N PRO A 313 -24.04 -9.07 -0.42
CA PRO A 313 -25.26 -8.91 0.41
C PRO A 313 -25.91 -7.55 0.16
N GLU A 314 -25.12 -6.54 -0.23
CA GLU A 314 -25.66 -5.22 -0.56
C GLU A 314 -26.63 -5.32 -1.73
N ASN A 315 -26.29 -6.12 -2.73
CA ASN A 315 -27.21 -6.36 -3.85
C ASN A 315 -28.54 -6.95 -3.37
N ILE A 316 -28.50 -7.87 -2.40
CA ILE A 316 -29.75 -8.49 -1.95
C ILE A 316 -30.67 -7.45 -1.28
N ASP A 317 -30.09 -6.68 -0.37
CA ASP A 317 -30.84 -5.63 0.32
C ASP A 317 -31.33 -4.56 -0.65
N CYS A 318 -30.50 -4.25 -1.64
CA CYS A 318 -30.89 -3.28 -2.67
C CYS A 318 -32.12 -3.76 -3.47
N ILE A 319 -32.17 -5.03 -3.80
CA ILE A 319 -33.38 -5.62 -4.42
C ILE A 319 -34.62 -5.39 -3.53
N ARG A 320 -34.47 -5.66 -2.24
CA ARG A 320 -35.61 -5.52 -1.33
C ARG A 320 -36.03 -4.06 -1.22
N ALA A 321 -35.07 -3.13 -1.25
CA ALA A 321 -35.39 -1.71 -1.17
C ALA A 321 -36.17 -1.28 -2.40
N MET A 322 -35.61 -1.57 -3.56
CA MET A 322 -36.17 -1.11 -4.82
C MET A 322 -37.55 -1.71 -5.13
N LEU A 323 -37.76 -2.95 -4.71
CA LEU A 323 -39.02 -3.65 -4.97
C LEU A 323 -39.99 -3.47 -3.81
N GLN A 324 -39.59 -2.68 -2.82
CA GLN A 324 -40.45 -2.37 -1.67
C GLN A 324 -40.86 -3.65 -0.93
N MET A 325 -39.89 -4.55 -0.75
CA MET A 325 -40.17 -5.83 -0.13
C MET A 325 -40.09 -5.80 1.38
N GLU A 326 -39.26 -4.91 1.89
CA GLU A 326 -39.02 -4.79 3.30
C GLU A 326 -38.85 -3.32 3.62
N GLU A 327 -39.65 -2.81 4.53
CA GLU A 327 -39.59 -1.39 4.91
C GLU A 327 -38.32 -1.07 5.73
N ASP A 328 -37.88 -2.04 6.56
CA ASP A 328 -36.83 -1.85 7.60
C ASP A 328 -35.48 -2.31 7.05
N ASN A 329 -34.54 -1.37 6.91
CA ASN A 329 -33.20 -1.71 6.39
C ASN A 329 -32.48 -2.78 7.21
N PHE A 330 -32.54 -2.68 8.54
CA PHE A 330 -31.89 -3.68 9.38
C PHE A 330 -32.55 -5.04 9.32
N LYS A 331 -33.87 -5.07 9.09
CA LYS A 331 -34.55 -6.34 8.94
C LYS A 331 -34.06 -7.02 7.64
N SER A 332 -33.95 -6.25 6.56
CA SER A 332 -33.40 -6.83 5.32
C SER A 332 -31.97 -7.31 5.56
N ILE A 333 -31.13 -6.49 6.22
CA ILE A 333 -29.72 -6.86 6.46
C ILE A 333 -29.63 -8.20 7.19
N GLU A 334 -30.43 -8.33 8.23
CA GLU A 334 -30.43 -9.54 9.03
C GLU A 334 -30.95 -10.73 8.25
N LYS A 335 -32.02 -10.52 7.48
CA LYS A 335 -32.57 -11.59 6.64
C LYS A 335 -31.49 -12.09 5.66
N THR A 336 -30.88 -11.17 4.92
CA THR A 336 -29.80 -11.51 3.96
C THR A 336 -28.66 -12.27 4.64
N ASN A 337 -28.17 -11.70 5.76
CA ASN A 337 -27.05 -12.27 6.50
C ASN A 337 -27.32 -13.69 6.96
N LYS A 338 -28.50 -13.92 7.53
CA LYS A 338 -28.89 -15.27 7.96
C LYS A 338 -28.95 -16.24 6.77
N ALA A 339 -29.57 -15.83 5.68
CA ALA A 339 -29.63 -16.67 4.47
C ALA A 339 -28.25 -17.00 3.89
N MET A 340 -27.33 -16.03 3.93
CA MET A 340 -25.99 -16.25 3.36
C MET A 340 -25.00 -16.89 4.36
N GLY A 341 -25.37 -16.92 5.65
CA GLY A 341 -24.51 -17.52 6.67
C GLY A 341 -23.37 -16.60 7.10
N ILE A 342 -23.61 -15.29 7.05
CA ILE A 342 -22.60 -14.30 7.41
C ILE A 342 -23.04 -13.41 8.55
N GLN A 343 -22.09 -12.59 8.99
CA GLN A 343 -22.33 -11.63 10.05
C GLN A 343 -22.30 -10.19 9.52
N PRO B 2 43.49 11.36 2.56
CA PRO B 2 42.05 10.95 2.59
C PRO B 2 41.63 10.27 3.89
N ALA B 3 40.34 10.40 4.25
CA ALA B 3 39.79 9.65 5.36
C ALA B 3 39.87 8.16 5.02
N LYS B 4 40.26 7.34 6.00
CA LYS B 4 40.43 5.91 5.80
C LYS B 4 39.20 5.18 6.31
N VAL B 5 38.37 4.74 5.37
CA VAL B 5 37.05 4.19 5.70
C VAL B 5 37.08 2.67 5.61
N LEU B 6 36.68 1.97 6.67
CA LEU B 6 36.52 0.52 6.63
C LEU B 6 35.04 0.21 6.45
N ILE B 7 34.72 -0.68 5.51
CA ILE B 7 33.31 -1.14 5.36
C ILE B 7 33.19 -2.48 6.05
N ASN B 8 32.57 -2.49 7.22
CA ASN B 8 32.34 -3.75 7.91
C ASN B 8 30.95 -4.29 7.56
N GLY B 9 30.91 -5.15 6.55
CA GLY B 9 29.67 -5.74 6.07
C GLY B 9 29.36 -5.32 4.65
N TYR B 10 29.97 -6.01 3.69
CA TYR B 10 29.86 -5.68 2.26
C TYR B 10 28.55 -6.29 1.71
N GLY B 11 27.42 -5.78 2.19
CA GLY B 11 26.10 -6.23 1.77
C GLY B 11 25.38 -5.21 0.90
N SER B 12 24.05 -5.24 0.87
CA SER B 12 23.33 -4.26 0.01
C SER B 12 23.77 -2.80 0.22
N ILE B 13 23.77 -2.34 1.47
CA ILE B 13 24.28 -1.01 1.79
C ILE B 13 25.81 -0.92 1.62
N GLY B 14 26.51 -1.86 2.25
CA GLY B 14 27.99 -1.87 2.33
C GLY B 14 28.70 -1.79 0.98
N LYS B 15 28.22 -2.56 0.01
CA LYS B 15 28.85 -2.53 -1.30
C LYS B 15 28.65 -1.20 -2.01
N ARG B 16 27.53 -0.55 -1.72
CA ARG B 16 27.24 0.75 -2.30
C ARG B 16 28.01 1.88 -1.62
N VAL B 17 28.08 1.84 -0.29
CA VAL B 17 28.89 2.85 0.43
C VAL B 17 30.36 2.71 0.01
N ALA B 18 30.83 1.48 -0.22
CA ALA B 18 32.22 1.28 -0.63
C ALA B 18 32.48 1.98 -1.97
N ASP B 19 31.60 1.78 -2.96
CA ASP B 19 31.76 2.49 -4.23
C ASP B 19 31.61 4.02 -4.11
N ALA B 20 30.67 4.48 -3.28
CA ALA B 20 30.41 5.93 -3.08
C ALA B 20 31.60 6.61 -2.38
N VAL B 21 32.19 5.93 -1.40
CA VAL B 21 33.44 6.42 -0.77
C VAL B 21 34.55 6.53 -1.84
N SER B 22 34.71 5.49 -2.65
CA SER B 22 35.71 5.46 -3.72
C SER B 22 35.59 6.60 -4.74
N MET B 23 34.37 7.04 -5.02
CA MET B 23 34.09 8.12 -5.94
C MET B 23 34.49 9.51 -5.41
N GLN B 24 34.61 9.64 -4.10
CA GLN B 24 35.02 10.91 -3.46
C GLN B 24 36.53 11.14 -3.61
N ASP B 25 36.94 12.39 -3.61
CA ASP B 25 38.37 12.68 -3.73
C ASP B 25 39.03 12.86 -2.37
N ASP B 26 38.24 12.75 -1.30
CA ASP B 26 38.77 13.00 0.04
C ASP B 26 38.63 11.83 1.00
N MET B 27 38.35 10.65 0.47
CA MET B 27 38.20 9.47 1.34
C MET B 27 38.51 8.21 0.54
N GLU B 28 38.92 7.15 1.23
CA GLU B 28 39.25 5.92 0.52
C GLU B 28 38.82 4.70 1.35
N VAL B 29 38.51 3.62 0.65
CA VAL B 29 38.16 2.35 1.32
C VAL B 29 39.42 1.52 1.51
N ILE B 30 39.76 1.27 2.77
CA ILE B 30 40.96 0.50 3.12
C ILE B 30 40.66 -0.99 3.21
N GLY B 31 39.37 -1.35 3.19
CA GLY B 31 38.97 -2.75 3.26
C GLY B 31 37.46 -2.88 3.34
N VAL B 32 36.95 -4.02 2.87
CA VAL B 32 35.54 -4.42 3.02
C VAL B 32 35.53 -5.80 3.64
N THR B 33 34.48 -6.15 4.36
CA THR B 33 34.40 -7.44 5.03
C THR B 33 33.19 -8.30 4.60
N LYS B 34 33.40 -9.62 4.65
CA LYS B 34 32.37 -10.63 4.39
C LYS B 34 32.50 -11.77 5.40
N THR B 35 31.42 -12.52 5.58
CA THR B 35 31.49 -13.78 6.34
C THR B 35 31.48 -15.01 5.43
N LYS B 36 30.89 -14.90 4.24
CA LYS B 36 30.78 -16.05 3.36
C LYS B 36 31.60 -15.81 2.10
N PRO B 37 32.32 -16.84 1.67
CA PRO B 37 33.06 -16.81 0.40
C PRO B 37 32.19 -16.97 -0.86
N ASP B 38 31.31 -16.02 -1.11
CA ASP B 38 30.39 -16.12 -2.25
C ASP B 38 30.79 -15.24 -3.43
N PHE B 39 29.90 -15.12 -4.42
CA PHE B 39 30.19 -14.34 -5.62
C PHE B 39 30.33 -12.84 -5.34
N GLU B 40 29.74 -12.39 -4.24
CA GLU B 40 29.86 -10.99 -3.82
C GLU B 40 31.23 -10.73 -3.20
N ALA B 41 31.74 -11.66 -2.41
CA ALA B 41 33.14 -11.62 -1.95
C ALA B 41 34.12 -11.54 -3.14
N ARG B 42 33.90 -12.39 -4.14
CA ARG B 42 34.70 -12.38 -5.37
C ARG B 42 34.65 -11.05 -6.06
N LEU B 43 33.44 -10.51 -6.18
CA LEU B 43 33.28 -9.24 -6.85
C LEU B 43 34.07 -8.13 -6.15
N ALA B 44 34.07 -8.12 -4.82
CA ALA B 44 34.81 -7.10 -4.07
C ALA B 44 36.28 -7.12 -4.46
N VAL B 45 36.84 -8.34 -4.51
CA VAL B 45 38.24 -8.53 -4.88
C VAL B 45 38.49 -8.02 -6.30
N GLU B 46 37.62 -8.41 -7.24
CA GLU B 46 37.76 -8.01 -8.63
C GLU B 46 37.67 -6.50 -8.83
N LYS B 47 36.92 -5.85 -7.95
CA LYS B 47 36.78 -4.40 -8.01
C LYS B 47 38.02 -3.69 -7.44
N GLY B 48 38.92 -4.45 -6.84
CA GLY B 48 40.15 -3.89 -6.27
C GLY B 48 40.12 -3.62 -4.78
N TYR B 49 39.00 -3.93 -4.09
CA TYR B 49 38.97 -3.80 -2.65
C TYR B 49 39.78 -4.91 -1.97
N LYS B 50 40.37 -4.55 -0.85
CA LYS B 50 40.99 -5.50 0.05
C LYS B 50 39.86 -6.14 0.84
N LEU B 51 39.79 -7.47 0.80
CA LEU B 51 38.73 -8.19 1.52
C LEU B 51 39.22 -8.79 2.84
N PHE B 52 38.53 -8.48 3.92
CA PHE B 52 38.84 -9.10 5.20
C PHE B 52 37.64 -9.93 5.63
N VAL B 53 37.91 -10.96 6.43
CA VAL B 53 36.87 -11.81 7.00
C VAL B 53 36.25 -11.11 8.22
N ALA B 54 34.93 -10.94 8.21
CA ALA B 54 34.25 -10.08 9.20
C ALA B 54 34.31 -10.61 10.62
N ILE B 55 34.37 -11.93 10.75
CA ILE B 55 34.51 -12.58 12.04
C ILE B 55 35.95 -13.09 12.17
N PRO B 56 36.60 -12.78 13.30
CA PRO B 56 37.99 -13.20 13.55
C PRO B 56 38.09 -14.70 13.89
N ASP B 57 37.93 -15.55 12.88
CA ASP B 57 37.86 -16.98 13.14
C ASP B 57 38.70 -17.68 12.08
N ASN B 58 39.77 -18.37 12.49
CA ASN B 58 40.71 -18.92 11.49
C ASN B 58 40.06 -19.94 10.61
N GLU B 59 39.12 -20.68 11.16
CA GLU B 59 38.39 -21.69 10.42
C GLU B 59 37.64 -21.02 9.28
N ARG B 60 37.21 -19.79 9.53
CA ARG B 60 36.49 -19.03 8.53
C ARG B 60 37.44 -18.51 7.45
N VAL B 61 38.62 -18.03 7.86
CA VAL B 61 39.62 -17.58 6.89
C VAL B 61 39.90 -18.74 5.92
N LYS B 62 40.00 -19.96 6.44
CA LYS B 62 40.35 -21.10 5.59
C LYS B 62 39.23 -21.38 4.58
N LEU B 63 38.00 -21.13 4.98
CA LEU B 63 36.88 -21.25 4.05
C LEU B 63 37.10 -20.38 2.81
N PHE B 64 37.60 -19.16 3.03
CA PHE B 64 37.87 -18.24 1.92
C PHE B 64 39.06 -18.76 1.12
N GLU B 65 40.10 -19.22 1.81
CA GLU B 65 41.25 -19.80 1.12
C GLU B 65 40.88 -21.00 0.27
N ASP B 66 40.04 -21.89 0.80
CA ASP B 66 39.59 -23.03 0.01
C ASP B 66 38.73 -22.65 -1.20
N ALA B 67 38.04 -21.51 -1.11
CA ALA B 67 37.25 -21.01 -2.23
C ALA B 67 38.10 -20.26 -3.26
N GLY B 68 39.38 -20.04 -2.92
CA GLY B 68 40.29 -19.34 -3.81
C GLY B 68 39.98 -17.86 -3.94
N ILE B 69 39.35 -17.29 -2.91
CA ILE B 69 39.12 -15.85 -2.82
C ILE B 69 40.20 -15.26 -1.94
N PRO B 70 41.03 -14.39 -2.51
CA PRO B 70 42.08 -13.72 -1.73
C PRO B 70 41.52 -12.86 -0.56
N VAL B 71 41.98 -13.15 0.66
CA VAL B 71 41.58 -12.36 1.82
C VAL B 71 42.86 -11.81 2.48
N GLU B 72 42.79 -10.59 3.00
CA GLU B 72 43.98 -9.95 3.60
C GLU B 72 44.12 -10.22 5.10
N GLY B 73 43.19 -10.98 5.66
CA GLY B 73 43.14 -11.23 7.09
C GLY B 73 41.72 -11.14 7.61
N THR B 74 41.57 -10.77 8.87
CA THR B 74 40.23 -10.59 9.45
C THR B 74 40.04 -9.14 9.85
N ILE B 75 38.84 -8.85 10.36
CA ILE B 75 38.52 -7.52 10.87
C ILE B 75 39.60 -7.00 11.84
N LEU B 76 40.22 -7.89 12.61
CA LEU B 76 41.21 -7.45 13.62
C LEU B 76 42.51 -6.98 12.98
N ASP B 77 42.78 -7.44 11.76
CA ASP B 77 43.97 -7.03 11.00
C ASP B 77 43.84 -5.67 10.36
N ILE B 78 42.63 -5.11 10.36
CA ILE B 78 42.42 -3.84 9.65
C ILE B 78 41.80 -2.75 10.50
N ILE B 79 41.15 -3.14 11.60
CA ILE B 79 40.34 -2.21 12.38
C ILE B 79 41.14 -1.04 12.95
N GLU B 80 42.40 -1.31 13.31
CA GLU B 80 43.26 -0.25 13.89
C GLU B 80 43.73 0.78 12.88
N ASP B 81 43.52 0.51 11.60
CA ASP B 81 43.93 1.46 10.54
C ASP B 81 42.80 2.41 10.14
N ALA B 82 41.58 2.14 10.57
CA ALA B 82 40.44 2.96 10.14
C ALA B 82 40.32 4.31 10.86
N ASP B 83 40.07 5.38 10.11
CA ASP B 83 39.59 6.64 10.69
C ASP B 83 38.14 6.51 11.14
N ILE B 84 37.38 5.64 10.43
CA ILE B 84 35.95 5.44 10.72
C ILE B 84 35.50 4.14 10.07
N VAL B 85 34.54 3.47 10.73
CA VAL B 85 33.96 2.24 10.21
C VAL B 85 32.52 2.52 9.79
N VAL B 86 32.20 2.21 8.53
CA VAL B 86 30.78 2.13 8.14
C VAL B 86 30.32 0.71 8.42
N ASP B 87 29.42 0.53 9.37
CA ASP B 87 28.91 -0.80 9.62
C ASP B 87 27.75 -1.07 8.64
N GLY B 88 27.81 -2.21 7.96
CA GLY B 88 26.76 -2.63 7.04
C GLY B 88 26.23 -3.99 7.42
N ALA B 89 26.32 -4.33 8.70
CA ALA B 89 25.91 -5.65 9.18
C ALA B 89 24.37 -5.77 9.34
N PRO B 90 23.84 -7.00 9.50
CA PRO B 90 22.38 -7.14 9.65
C PRO B 90 21.87 -6.46 10.91
N LYS B 91 20.56 -6.19 10.93
CA LYS B 91 19.87 -5.63 12.07
C LYS B 91 20.26 -6.35 13.37
N LYS B 92 20.61 -5.56 14.39
CA LYS B 92 21.07 -6.03 15.72
C LYS B 92 22.57 -6.30 15.80
N ILE B 93 23.16 -6.74 14.70
CA ILE B 93 24.58 -7.01 14.62
C ILE B 93 25.41 -5.70 14.63
N GLY B 94 24.82 -4.59 14.18
CA GLY B 94 25.54 -3.33 14.18
C GLY B 94 25.85 -2.91 15.61
N LYS B 95 24.86 -2.99 16.47
CA LYS B 95 25.04 -2.69 17.89
C LYS B 95 26.05 -3.65 18.55
N GLN B 96 25.92 -4.94 18.30
CA GLN B 96 26.94 -5.92 18.74
C GLN B 96 28.34 -5.51 18.33
N ASN B 97 28.52 -5.14 17.05
CA ASN B 97 29.82 -4.70 16.56
C ASN B 97 30.32 -3.44 17.26
N LEU B 98 29.40 -2.51 17.51
CA LEU B 98 29.78 -1.28 18.19
C LEU B 98 30.36 -1.58 19.57
N GLU B 99 29.64 -2.40 20.35
CA GLU B 99 30.00 -2.65 21.75
C GLU B 99 31.22 -3.58 21.84
N ASN B 100 31.34 -4.48 20.87
CA ASN B 100 32.32 -5.56 20.93
C ASN B 100 33.58 -5.30 20.16
N ILE B 101 33.49 -4.40 19.16
CA ILE B 101 34.61 -4.08 18.27
C ILE B 101 34.94 -2.58 18.20
N TYR B 102 33.97 -1.73 17.82
CA TYR B 102 34.30 -0.33 17.54
C TYR B 102 34.76 0.41 18.82
N LYS B 103 34.02 0.24 19.89
CA LYS B 103 34.35 0.90 21.16
C LYS B 103 35.69 0.38 21.77
N PRO B 104 35.85 -0.92 21.95
CA PRO B 104 37.12 -1.47 22.46
C PRO B 104 38.33 -1.02 21.63
N HIS B 105 38.18 -0.85 20.31
CA HIS B 105 39.29 -0.35 19.48
C HIS B 105 39.31 1.19 19.32
N LYS B 106 38.45 1.89 20.07
CA LYS B 106 38.38 3.36 20.07
C LYS B 106 38.32 3.98 18.67
N VAL B 107 37.42 3.46 17.83
CA VAL B 107 37.26 3.92 16.46
C VAL B 107 35.82 4.39 16.24
N LYS B 108 35.69 5.52 15.55
CA LYS B 108 34.38 6.06 15.22
C LYS B 108 33.67 5.07 14.29
N ALA B 109 32.34 4.99 14.41
CA ALA B 109 31.56 4.09 13.54
C ALA B 109 30.20 4.67 13.21
N ILE B 110 29.72 4.34 12.03
CA ILE B 110 28.37 4.65 11.60
C ILE B 110 27.56 3.35 11.57
N LEU B 111 26.39 3.35 12.21
CA LEU B 111 25.46 2.22 12.12
C LEU B 111 24.30 2.58 11.16
N GLN B 112 23.71 1.55 10.52
CA GLN B 112 22.59 1.80 9.61
C GLN B 112 21.22 1.85 10.32
N GLY B 113 20.16 2.13 9.56
CA GLY B 113 18.85 2.44 10.13
C GLY B 113 18.09 1.35 10.87
N GLY B 114 18.50 0.10 10.68
CA GLY B 114 17.88 -1.04 11.38
C GLY B 114 18.30 -1.08 12.84
N GLU B 115 19.40 -0.39 13.17
CA GLU B 115 19.82 -0.25 14.57
C GLU B 115 18.95 0.82 15.25
N LYS B 116 19.13 1.02 16.55
CA LYS B 116 18.18 1.84 17.34
C LYS B 116 18.70 3.23 17.62
N ALA B 117 17.78 4.18 17.77
CA ALA B 117 18.18 5.54 18.10
C ALA B 117 18.98 5.56 19.42
N LYS B 118 18.57 4.75 20.40
CA LYS B 118 19.22 4.75 21.70
C LYS B 118 20.59 4.07 21.67
N ASP B 119 20.90 3.39 20.55
CA ASP B 119 22.15 2.64 20.41
C ASP B 119 23.34 3.56 20.17
N VAL B 120 23.07 4.79 19.75
CA VAL B 120 24.09 5.70 19.24
C VAL B 120 24.00 7.08 19.91
N GLU B 121 24.90 7.97 19.53
CA GLU B 121 24.92 9.31 20.14
C GLU B 121 23.93 10.20 19.44
N ASP B 122 23.78 9.99 18.12
CA ASP B 122 22.84 10.78 17.34
C ASP B 122 22.42 10.09 16.05
N ASN B 123 21.52 10.76 15.34
CA ASN B 123 20.78 10.18 14.20
C ASN B 123 20.86 11.12 13.01
N PHE B 124 21.37 10.62 11.90
CA PHE B 124 21.84 11.47 10.81
C PHE B 124 20.95 11.58 9.59
N ASN B 125 20.70 12.82 9.20
CA ASN B 125 20.28 13.15 7.83
C ASN B 125 20.96 14.46 7.49
N ALA B 126 21.45 14.59 6.26
CA ALA B 126 22.37 15.70 5.93
C ALA B 126 21.71 17.07 5.93
N LEU B 127 20.39 17.08 5.72
CA LEU B 127 19.61 18.34 5.70
C LEU B 127 19.32 18.82 7.11
N TRP B 128 19.17 17.91 8.05
CA TRP B 128 18.65 18.30 9.35
C TRP B 128 19.67 18.27 10.49
N SER B 129 20.50 17.22 10.52
CA SER B 129 21.29 16.96 11.74
C SER B 129 22.80 16.91 11.52
N TYR B 130 23.26 17.39 10.37
CA TYR B 130 24.67 17.38 10.01
C TYR B 130 25.48 18.09 11.11
N ASN B 131 25.06 19.31 11.45
CA ASN B 131 25.72 20.11 12.49
C ASN B 131 25.73 19.43 13.85
N ARG B 132 24.59 18.84 14.20
CA ARG B 132 24.42 18.16 15.48
C ARG B 132 25.31 16.90 15.59
N CYS B 133 25.60 16.27 14.45
CA CYS B 133 26.42 15.06 14.43
C CYS B 133 27.91 15.41 14.29
N TYR B 134 28.23 16.70 14.17
CA TYR B 134 29.58 17.16 13.88
C TYR B 134 30.55 16.69 14.97
N GLY B 135 31.63 16.01 14.58
CA GLY B 135 32.58 15.46 15.54
C GLY B 135 32.15 14.34 16.46
N LYS B 136 30.90 13.86 16.33
CA LYS B 136 30.44 12.73 17.12
C LYS B 136 31.17 11.44 16.71
N ASP B 137 31.16 10.45 17.59
CA ASP B 137 31.90 9.22 17.38
C ASP B 137 31.02 8.08 16.91
N TYR B 138 29.77 8.04 17.38
CA TYR B 138 28.88 6.93 17.05
C TYR B 138 27.52 7.44 16.64
N VAL B 139 27.23 7.30 15.34
CA VAL B 139 26.03 7.88 14.75
C VAL B 139 25.27 6.82 13.93
N ARG B 140 23.95 6.92 13.94
CA ARG B 140 23.07 6.08 13.10
C ARG B 140 22.61 6.88 11.90
N VAL B 141 22.96 6.40 10.72
CA VAL B 141 22.36 6.91 9.49
C VAL B 141 20.99 6.23 9.40
N VAL B 142 19.93 7.03 9.42
CA VAL B 142 18.58 6.46 9.57
C VAL B 142 18.13 5.72 8.31
N SER B 143 17.02 4.97 8.47
CA SER B 143 16.55 4.02 7.45
C SER B 143 16.20 4.68 6.14
N CYS B 144 16.02 3.83 5.11
CA CYS B 144 15.49 4.25 3.80
C CYS B 144 14.24 5.14 3.96
N ASN B 145 13.25 4.62 4.67
CA ASN B 145 11.99 5.33 4.87
C ASN B 145 12.18 6.65 5.62
N THR B 146 12.92 6.61 6.71
CA THR B 146 13.14 7.83 7.49
C THR B 146 13.88 8.89 6.68
N THR B 147 14.90 8.48 5.93
CA THR B 147 15.65 9.43 5.10
C THR B 147 14.70 10.10 4.09
N GLY B 148 13.89 9.30 3.40
CA GLY B 148 12.91 9.85 2.47
C GLY B 148 11.97 10.86 3.13
N LEU B 149 11.38 10.48 4.26
CA LEU B 149 10.50 11.41 4.98
C LEU B 149 11.26 12.67 5.44
N CYS B 150 12.51 12.50 5.85
CA CYS B 150 13.32 13.66 6.26
C CYS B 150 13.45 14.66 5.13
N ARG B 151 13.69 14.17 3.93
CA ARG B 151 13.89 15.05 2.79
C ARG B 151 12.61 15.78 2.42
N ILE B 152 11.48 15.07 2.31
CA ILE B 152 10.25 15.76 1.89
C ILE B 152 9.77 16.75 2.97
N LEU B 153 9.96 16.38 4.23
CA LEU B 153 9.55 17.24 5.33
C LEU B 153 10.46 18.48 5.41
N TYR B 154 11.72 18.34 5.01
CA TYR B 154 12.59 19.50 4.90
C TYR B 154 12.09 20.44 3.79
N ALA B 155 11.71 19.88 2.65
CA ALA B 155 11.24 20.71 1.55
C ALA B 155 10.00 21.51 2.02
N ILE B 156 9.04 20.80 2.61
CA ILE B 156 7.83 21.44 3.11
C ILE B 156 8.13 22.47 4.24
N ASN B 157 8.92 22.05 5.23
CA ASN B 157 9.31 22.95 6.33
C ASN B 157 9.95 24.25 5.79
N SER B 158 10.64 24.16 4.65
CA SER B 158 11.29 25.35 4.06
C SER B 158 10.30 26.49 3.74
N ILE B 159 9.05 26.13 3.50
CA ILE B 159 8.02 27.10 3.07
C ILE B 159 6.81 27.25 4.01
N ALA B 160 6.67 26.37 4.99
CA ALA B 160 5.56 26.42 5.94
C ALA B 160 5.88 25.61 7.18
N ASP B 161 5.19 25.90 8.27
CA ASP B 161 5.39 25.18 9.52
C ASP B 161 4.49 23.96 9.50
N ILE B 162 5.06 22.81 9.80
CA ILE B 162 4.30 21.56 9.83
C ILE B 162 3.56 21.43 11.14
N LYS B 163 2.25 21.19 11.02
CA LYS B 163 1.38 20.95 12.15
C LYS B 163 1.21 19.46 12.40
N LYS B 164 0.85 18.74 11.34
CA LYS B 164 0.71 17.30 11.43
C LYS B 164 1.00 16.64 10.09
N ALA B 165 1.95 15.71 10.06
CA ALA B 165 2.27 14.97 8.84
C ALA B 165 1.72 13.56 9.03
N ARG B 166 0.80 13.16 8.17
CA ARG B 166 0.16 11.84 8.25
C ARG B 166 0.64 11.02 7.06
N ILE B 167 1.30 9.90 7.32
CA ILE B 167 2.00 9.18 6.25
C ILE B 167 1.62 7.68 6.25
N VAL B 168 1.39 7.14 5.06
CA VAL B 168 1.19 5.68 4.97
C VAL B 168 2.32 5.12 4.11
N LEU B 169 3.01 4.11 4.62
CA LEU B 169 4.17 3.56 3.93
C LEU B 169 3.77 2.22 3.34
N VAL B 170 3.95 2.07 2.04
CA VAL B 170 3.68 0.81 1.35
C VAL B 170 5.04 0.23 0.98
N ARG B 171 5.51 -0.72 1.80
CA ARG B 171 6.87 -1.19 1.72
C ARG B 171 7.05 -2.42 0.84
N ARG B 172 8.18 -2.47 0.14
CA ARG B 172 8.56 -3.66 -0.62
C ARG B 172 8.84 -4.85 0.33
N ALA B 173 8.57 -6.06 -0.13
CA ALA B 173 8.73 -7.25 0.72
C ALA B 173 10.20 -7.72 0.84
N ALA B 174 10.92 -7.66 -0.27
CA ALA B 174 12.26 -8.24 -0.40
C ALA B 174 13.07 -7.40 -1.39
N ASP B 175 14.34 -7.11 -1.11
CA ASP B 175 15.19 -6.51 -2.15
C ASP B 175 15.31 -7.48 -3.34
N PRO B 176 15.58 -6.98 -4.57
CA PRO B 176 15.67 -7.86 -5.76
C PRO B 176 16.50 -9.12 -5.59
N ASN B 177 17.59 -9.06 -4.84
CA ASN B 177 18.50 -10.20 -4.73
C ASN B 177 17.91 -11.29 -3.82
N ASP B 178 16.89 -10.93 -3.04
CA ASP B 178 16.42 -11.80 -1.98
C ASP B 178 15.34 -12.69 -2.57
N ASP B 179 15.67 -13.97 -2.69
CA ASP B 179 14.74 -14.97 -3.26
C ASP B 179 14.15 -15.89 -2.18
N LYS B 180 14.24 -15.47 -0.92
CA LYS B 180 13.74 -16.28 0.21
C LYS B 180 12.58 -15.64 1.02
N THR B 181 12.50 -14.29 1.04
CA THR B 181 11.48 -13.55 1.80
C THR B 181 10.20 -13.26 1.02
N GLY B 182 9.04 -13.56 1.63
CA GLY B 182 7.72 -13.27 1.06
C GLY B 182 7.20 -11.96 1.67
N PRO B 183 5.90 -11.64 1.54
CA PRO B 183 4.88 -12.51 0.96
C PRO B 183 4.86 -12.54 -0.58
N VAL B 184 4.56 -13.71 -1.13
CA VAL B 184 4.29 -13.86 -2.56
C VAL B 184 2.95 -13.19 -2.90
N ASN B 185 1.95 -13.38 -2.04
CA ASN B 185 0.61 -12.87 -2.37
C ASN B 185 -0.22 -12.49 -1.13
N ALA B 186 0.13 -11.33 -0.56
CA ALA B 186 -0.56 -10.84 0.63
C ALA B 186 -0.24 -9.36 0.79
N ILE B 187 -1.04 -8.68 1.62
CA ILE B 187 -0.65 -7.36 2.18
C ILE B 187 -0.54 -7.60 3.67
N THR B 188 0.57 -7.16 4.27
CA THR B 188 0.92 -7.53 5.61
C THR B 188 1.08 -6.24 6.44
N PRO B 189 0.20 -6.03 7.41
CA PRO B 189 0.39 -4.88 8.34
C PRO B 189 1.73 -5.01 8.96
N ASN B 190 2.49 -3.92 9.00
CA ASN B 190 3.84 -3.97 9.55
C ASN B 190 4.30 -2.60 10.07
N PRO B 191 4.03 -2.33 11.34
CA PRO B 191 3.39 -3.26 12.27
C PRO B 191 1.84 -3.18 12.16
N VAL B 192 1.12 -3.99 12.93
CA VAL B 192 -0.34 -3.87 12.97
C VAL B 192 -0.77 -2.62 13.79
N THR B 193 0.10 -2.12 14.65
CA THR B 193 -0.25 -0.97 15.47
C THR B 193 -0.08 0.34 14.71
N VAL B 194 -0.95 1.28 15.08
CA VAL B 194 -1.07 2.57 14.41
C VAL B 194 -1.39 3.60 15.53
N PRO B 195 -0.65 4.71 15.61
CA PRO B 195 0.48 5.01 14.72
C PRO B 195 1.69 4.11 14.98
N SER B 196 2.48 3.90 13.95
CA SER B 196 3.65 3.02 14.00
C SER B 196 4.94 3.76 14.39
N HIS B 197 5.97 2.95 14.59
CA HIS B 197 7.31 3.39 15.00
C HIS B 197 8.03 4.27 13.97
N HIS B 198 7.57 4.23 12.71
CA HIS B 198 8.14 5.05 11.65
C HIS B 198 8.15 6.56 11.96
N GLY B 199 7.10 7.06 12.62
CA GLY B 199 6.99 8.50 12.91
C GLY B 199 8.07 8.97 13.90
N PRO B 200 8.10 8.37 15.09
CA PRO B 200 9.16 8.65 16.09
C PRO B 200 10.59 8.46 15.56
N ASP B 201 10.80 7.56 14.58
CA ASP B 201 12.10 7.46 13.95
C ASP B 201 12.52 8.77 13.25
N VAL B 202 11.57 9.44 12.57
CA VAL B 202 11.81 10.77 12.02
C VAL B 202 12.16 11.78 13.15
N VAL B 203 11.44 11.68 14.25
CA VAL B 203 11.66 12.53 15.42
C VAL B 203 13.08 12.34 16.02
N SER B 204 13.66 11.15 15.91
CA SER B 204 15.05 10.92 16.34
C SER B 204 16.01 11.84 15.58
N VAL B 205 15.62 12.23 14.37
CA VAL B 205 16.39 13.15 13.57
C VAL B 205 15.98 14.59 13.85
N VAL B 206 14.66 14.83 13.90
CA VAL B 206 14.07 16.18 14.02
C VAL B 206 13.24 16.26 15.31
N PRO B 207 13.88 16.55 16.44
CA PRO B 207 13.16 16.54 17.72
C PRO B 207 11.92 17.46 17.72
N GLU B 208 11.96 18.53 16.94
CA GLU B 208 10.85 19.50 16.87
C GLU B 208 9.60 18.91 16.22
N PHE B 209 9.74 17.74 15.59
CA PHE B 209 8.56 17.05 15.04
C PHE B 209 7.85 16.13 16.03
N GLU B 210 8.33 16.08 17.28
CA GLU B 210 7.68 15.24 18.29
C GLU B 210 6.17 15.50 18.33
N GLY B 211 5.39 14.41 18.29
CA GLY B 211 3.92 14.47 18.30
C GLY B 211 3.27 15.16 17.11
N LYS B 212 4.00 15.21 15.99
CA LYS B 212 3.50 15.87 14.79
C LYS B 212 3.55 14.91 13.60
N ILE B 213 4.05 13.70 13.82
CA ILE B 213 4.22 12.75 12.71
C ILE B 213 3.45 11.49 13.05
N LEU B 214 2.54 11.07 12.17
CA LEU B 214 1.73 9.90 12.41
C LEU B 214 1.86 8.95 11.21
N THR B 215 2.29 7.72 11.47
CA THR B 215 2.58 6.78 10.38
C THR B 215 1.83 5.46 10.52
N SER B 216 1.61 4.81 9.39
CA SER B 216 1.08 3.44 9.34
C SER B 216 1.84 2.77 8.20
N ALA B 217 2.11 1.47 8.32
CA ALA B 217 2.85 0.82 7.23
C ALA B 217 2.32 -0.58 6.94
N VAL B 218 2.46 -0.97 5.66
CA VAL B 218 2.17 -2.33 5.24
C VAL B 218 3.30 -2.85 4.34
N ILE B 219 3.38 -4.17 4.16
CA ILE B 219 4.34 -4.73 3.21
C ILE B 219 3.55 -5.41 2.08
N VAL B 220 4.00 -5.28 0.85
CA VAL B 220 3.30 -5.88 -0.31
C VAL B 220 4.33 -6.64 -1.20
N PRO B 221 3.84 -7.51 -2.10
CA PRO B 221 4.71 -8.33 -2.98
C PRO B 221 5.36 -7.55 -4.12
N THR B 222 6.27 -6.66 -3.75
CA THR B 222 7.14 -6.02 -4.72
C THR B 222 8.57 -6.00 -4.18
N THR B 223 9.56 -5.80 -5.06
CA THR B 223 10.95 -5.67 -4.65
C THR B 223 11.58 -4.29 -4.93
N LEU B 224 10.96 -3.48 -5.79
CA LEU B 224 11.66 -2.38 -6.46
C LEU B 224 11.90 -1.16 -5.59
N MET B 225 10.81 -0.64 -5.05
CA MET B 225 10.78 0.64 -4.31
C MET B 225 9.65 0.61 -3.30
N HIS B 226 9.78 1.37 -2.22
CA HIS B 226 8.68 1.65 -1.33
C HIS B 226 7.93 2.84 -1.91
N MET B 227 6.67 2.96 -1.52
CA MET B 227 5.90 4.16 -1.82
C MET B 227 5.42 4.76 -0.52
N HIS B 228 5.35 6.09 -0.46
CA HIS B 228 4.79 6.80 0.70
C HIS B 228 3.66 7.72 0.23
N THR B 229 2.58 7.76 0.99
CA THR B 229 1.55 8.75 0.74
C THR B 229 1.59 9.78 1.87
N LEU B 230 1.56 11.08 1.55
CA LEU B 230 1.63 12.11 2.56
C LEU B 230 0.41 13.00 2.54
N MET B 231 -0.11 13.32 3.72
CA MET B 231 -1.15 14.34 3.87
C MET B 231 -0.65 15.17 5.05
N VAL B 232 -0.30 16.42 4.78
CA VAL B 232 0.49 17.20 5.74
C VAL B 232 -0.15 18.56 6.01
N GLU B 233 -0.68 18.74 7.22
CA GLU B 233 -1.33 19.99 7.63
C GLU B 233 -0.24 20.98 7.98
N VAL B 234 -0.34 22.19 7.45
CA VAL B 234 0.69 23.19 7.69
C VAL B 234 0.07 24.52 8.20
N ASP B 235 0.92 25.36 8.79
CA ASP B 235 0.60 26.76 9.17
C ASP B 235 1.25 27.65 8.11
N GLY B 236 0.46 28.40 7.37
CA GLY B 236 1.03 29.24 6.34
C GLY B 236 0.33 28.93 5.05
N ASP B 237 0.30 29.91 4.16
CA ASP B 237 -0.40 29.78 2.90
C ASP B 237 0.60 29.45 1.82
N VAL B 238 0.55 28.20 1.38
CA VAL B 238 1.46 27.71 0.37
C VAL B 238 0.62 27.35 -0.83
N SER B 239 1.22 27.51 -2.01
CA SER B 239 0.61 26.99 -3.23
C SER B 239 1.28 25.69 -3.69
N ARG B 240 0.57 24.96 -4.52
CA ARG B 240 1.13 23.88 -5.29
C ARG B 240 2.49 24.23 -5.91
N ASP B 241 2.58 25.40 -6.57
CA ASP B 241 3.82 25.77 -7.27
C ASP B 241 4.95 26.01 -6.27
N ASP B 242 4.62 26.59 -5.10
CA ASP B 242 5.60 26.75 -4.01
C ASP B 242 6.20 25.42 -3.56
N ILE B 243 5.35 24.42 -3.36
CA ILE B 243 5.79 23.06 -2.97
C ILE B 243 6.68 22.47 -4.03
N LEU B 244 6.17 22.46 -5.27
CA LEU B 244 6.94 21.98 -6.40
C LEU B 244 8.32 22.60 -6.49
N GLU B 245 8.37 23.93 -6.33
CA GLU B 245 9.65 24.65 -6.34
C GLU B 245 10.59 24.23 -5.18
N ALA B 246 10.02 24.12 -3.98
CA ALA B 246 10.78 23.71 -2.81
C ALA B 246 11.33 22.30 -3.01
N ILE B 247 10.53 21.43 -3.62
CA ILE B 247 10.99 20.06 -3.88
C ILE B 247 12.15 20.13 -4.86
N LYS B 248 11.98 20.89 -5.94
CA LYS B 248 13.02 21.03 -6.94
C LYS B 248 14.31 21.58 -6.33
N LYS B 249 14.20 22.59 -5.45
CA LYS B 249 15.35 23.20 -4.76
C LYS B 249 16.09 22.26 -3.81
N THR B 250 15.36 21.34 -3.17
CA THR B 250 15.94 20.48 -2.12
C THR B 250 16.83 19.42 -2.75
N PRO B 251 18.11 19.34 -2.38
CA PRO B 251 18.97 18.30 -2.97
C PRO B 251 18.43 16.88 -2.68
N ARG B 252 18.60 15.97 -3.64
CA ARG B 252 18.22 14.55 -3.45
C ARG B 252 16.71 14.32 -3.36
N ILE B 253 15.93 15.26 -3.89
CA ILE B 253 14.56 14.98 -4.30
C ILE B 253 14.41 15.36 -5.77
N ILE B 254 13.89 14.44 -6.59
CA ILE B 254 13.52 14.81 -7.96
C ILE B 254 12.04 14.49 -8.20
N THR B 255 11.52 14.98 -9.32
CA THR B 255 10.12 14.69 -9.66
C THR B 255 10.02 13.95 -10.97
N VAL B 256 8.96 13.17 -11.08
CA VAL B 256 8.61 12.50 -12.32
C VAL B 256 7.14 12.82 -12.61
N ARG B 257 6.77 12.81 -13.89
CA ARG B 257 5.40 13.07 -14.28
C ARG B 257 4.79 11.79 -14.82
N ALA B 258 3.64 11.42 -14.28
CA ALA B 258 2.86 10.33 -14.86
C ALA B 258 2.54 10.66 -16.34
N GLU B 259 2.36 11.95 -16.63
CA GLU B 259 2.03 12.36 -18.01
C GLU B 259 3.16 11.97 -18.98
N ASP B 260 4.35 11.82 -18.43
CA ASP B 260 5.52 11.43 -19.19
C ASP B 260 5.77 9.93 -19.29
N GLY B 261 4.81 9.14 -18.81
CA GLY B 261 4.95 7.69 -18.84
C GLY B 261 5.35 7.05 -17.54
N PHE B 262 5.54 7.82 -16.47
CA PHE B 262 5.91 7.23 -15.18
C PHE B 262 4.66 6.68 -14.44
N SER B 263 4.21 5.51 -14.86
CA SER B 263 2.94 4.93 -14.35
C SER B 263 3.10 4.26 -12.99
N SER B 264 4.32 3.92 -12.60
CA SER B 264 4.56 3.16 -11.38
C SER B 264 6.03 3.12 -11.01
N THR B 265 6.33 2.50 -9.87
CA THR B 265 7.72 2.32 -9.49
C THR B 265 8.53 1.51 -10.51
N ALA B 266 7.89 0.62 -11.28
CA ALA B 266 8.63 -0.09 -12.34
C ALA B 266 9.24 0.86 -13.37
N LYS B 267 8.54 1.97 -13.67
CA LYS B 267 8.99 2.91 -14.69
C LYS B 267 10.09 3.80 -14.15
N ILE B 268 9.99 4.14 -12.87
CA ILE B 268 11.07 4.85 -12.21
C ILE B 268 12.37 4.03 -12.28
N ILE B 269 12.31 2.74 -11.92
CA ILE B 269 13.50 1.91 -12.01
C ILE B 269 14.00 1.76 -13.46
N GLU B 270 13.06 1.67 -14.40
CA GLU B 270 13.48 1.54 -15.81
C GLU B 270 14.30 2.77 -16.19
N TYR B 271 13.91 3.91 -15.66
CA TYR B 271 14.62 5.16 -15.91
C TYR B 271 16.04 5.10 -15.32
N GLY B 272 16.18 4.61 -14.07
CA GLY B 272 17.48 4.48 -13.43
C GLY B 272 18.36 3.53 -14.23
N ARG B 273 17.76 2.44 -14.70
CA ARG B 273 18.49 1.51 -15.56
C ARG B 273 19.01 2.18 -16.82
N ASP B 274 18.09 2.81 -17.56
CA ASP B 274 18.42 3.37 -18.88
C ASP B 274 19.32 4.59 -18.77
N LEU B 275 19.22 5.29 -17.66
CA LEU B 275 20.11 6.43 -17.37
C LEU B 275 21.60 6.00 -17.28
N GLY B 276 21.83 4.73 -16.94
CA GLY B 276 23.18 4.24 -16.76
C GLY B 276 23.63 4.30 -15.33
N ARG B 277 22.67 4.39 -14.41
CA ARG B 277 23.03 4.42 -13.00
C ARG B 277 23.65 3.09 -12.61
N LEU B 278 24.71 3.14 -11.80
CA LEU B 278 25.31 1.94 -11.27
C LEU B 278 24.28 1.15 -10.47
N ARG B 279 24.05 -0.12 -10.84
CA ARG B 279 23.09 -0.99 -10.12
C ARG B 279 21.66 -0.46 -10.28
N TYR B 280 21.49 0.48 -11.20
CA TYR B 280 20.23 1.24 -11.43
C TYR B 280 19.80 2.16 -10.29
N ASP B 281 20.70 2.39 -9.34
CA ASP B 281 20.37 3.12 -8.12
C ASP B 281 19.83 4.50 -8.38
N ILE B 282 18.68 4.76 -7.77
CA ILE B 282 18.14 6.11 -7.72
C ILE B 282 18.22 6.59 -6.27
N ASN B 283 19.32 7.29 -5.93
CA ASN B 283 19.52 7.70 -4.54
C ASN B 283 18.58 8.84 -4.16
N GLU B 284 18.02 9.50 -5.18
CA GLU B 284 17.10 10.62 -4.94
C GLU B 284 15.75 10.08 -4.51
N LEU B 285 15.10 10.77 -3.57
CA LEU B 285 13.67 10.62 -3.36
C LEU B 285 12.92 11.05 -4.60
N VAL B 286 11.87 10.30 -4.97
CA VAL B 286 11.14 10.60 -6.22
C VAL B 286 9.67 10.94 -5.92
N VAL B 287 9.24 12.15 -6.29
CA VAL B 287 7.88 12.60 -6.05
C VAL B 287 7.13 12.65 -7.37
N TRP B 288 5.89 12.16 -7.40
CA TRP B 288 5.08 12.30 -8.62
C TRP B 288 4.53 13.73 -8.68
N GLU B 289 4.85 14.47 -9.75
CA GLU B 289 4.37 15.84 -9.90
C GLU B 289 2.87 16.01 -9.79
N GLU B 290 2.14 15.15 -10.49
CA GLU B 290 0.66 15.29 -10.54
C GLU B 290 0.00 14.96 -9.21
N SER B 291 0.74 14.27 -8.34
CA SER B 291 0.27 14.00 -6.98
C SER B 291 0.29 15.22 -6.04
N ILE B 292 1.11 16.23 -6.32
CA ILE B 292 1.26 17.37 -5.42
C ILE B 292 0.01 18.22 -5.47
N ASN B 293 -0.60 18.43 -4.32
CA ASN B 293 -1.81 19.24 -4.23
C ASN B 293 -1.82 19.99 -2.87
N VAL B 294 -2.53 21.11 -2.82
CA VAL B 294 -2.78 21.82 -1.57
C VAL B 294 -4.27 22.10 -1.49
N LEU B 295 -4.87 21.69 -0.38
CA LEU B 295 -6.27 21.91 -0.10
C LEU B 295 -6.40 22.43 1.31
N GLU B 296 -6.97 23.63 1.47
CA GLU B 296 -7.22 24.20 2.80
C GLU B 296 -6.05 23.97 3.75
N ASN B 297 -4.88 24.56 3.46
CA ASN B 297 -3.67 24.40 4.31
C ASN B 297 -3.21 22.94 4.56
N GLU B 298 -3.46 22.07 3.60
CA GLU B 298 -3.00 20.68 3.73
C GLU B 298 -2.38 20.23 2.43
N ILE B 299 -1.17 19.68 2.53
CA ILE B 299 -0.38 19.35 1.36
C ILE B 299 -0.50 17.86 1.11
N PHE B 300 -0.72 17.47 -0.14
CA PHE B 300 -0.83 16.05 -0.49
C PHE B 300 0.26 15.71 -1.49
N LEU B 301 0.83 14.51 -1.41
CA LEU B 301 1.72 14.00 -2.46
C LEU B 301 1.96 12.51 -2.28
N MET B 302 2.44 11.84 -3.34
CA MET B 302 2.96 10.47 -3.25
C MET B 302 4.40 10.46 -3.73
N GLN B 303 5.21 9.61 -3.11
CA GLN B 303 6.61 9.59 -3.46
C GLN B 303 7.09 8.17 -3.41
N ALA B 304 8.21 7.88 -4.06
CA ALA B 304 8.75 6.54 -4.05
C ALA B 304 10.19 6.59 -3.55
N VAL B 305 10.62 5.52 -2.89
CA VAL B 305 11.96 5.46 -2.30
C VAL B 305 12.68 4.23 -2.81
N HIS B 306 13.84 4.41 -3.45
CA HIS B 306 14.63 3.24 -3.81
C HIS B 306 15.41 2.81 -2.56
N GLN B 307 14.86 1.81 -1.87
CA GLN B 307 15.32 1.50 -0.52
C GLN B 307 16.79 1.08 -0.50
N GLU B 308 17.28 0.51 -1.59
CA GLU B 308 18.67 0.00 -1.58
C GLU B 308 19.71 1.11 -1.59
N SER B 309 19.37 2.26 -2.17
CA SER B 309 20.37 3.32 -2.41
C SER B 309 20.11 4.66 -1.75
N ILE B 310 18.91 4.91 -1.24
CA ILE B 310 18.62 6.26 -0.75
C ILE B 310 19.57 6.74 0.38
N VAL B 311 20.05 5.81 1.21
CA VAL B 311 20.91 6.21 2.36
C VAL B 311 22.39 6.33 2.01
N ILE B 312 22.77 5.91 0.80
CA ILE B 312 24.19 5.88 0.43
C ILE B 312 24.88 7.28 0.52
N PRO B 313 24.36 8.33 -0.15
CA PRO B 313 25.01 9.63 -0.05
C PRO B 313 24.96 10.19 1.38
N GLU B 314 23.94 9.85 2.16
CA GLU B 314 23.90 10.19 3.59
C GLU B 314 25.09 9.62 4.36
N ASN B 315 25.50 8.39 4.06
CA ASN B 315 26.67 7.84 4.73
C ASN B 315 27.94 8.67 4.45
N ILE B 316 28.10 9.11 3.20
CA ILE B 316 29.27 9.90 2.82
C ILE B 316 29.25 11.22 3.59
N ASP B 317 28.14 11.94 3.60
CA ASP B 317 28.10 13.20 4.37
C ASP B 317 28.31 12.99 5.86
N CYS B 318 27.79 11.90 6.39
CA CYS B 318 27.95 11.60 7.80
C CYS B 318 29.42 11.39 8.15
N ILE B 319 30.17 10.76 7.27
CA ILE B 319 31.62 10.58 7.46
C ILE B 319 32.27 11.97 7.64
N ARG B 320 31.90 12.89 6.75
CA ARG B 320 32.46 14.25 6.76
C ARG B 320 32.15 14.99 8.06
N ALA B 321 30.92 14.85 8.56
CA ALA B 321 30.49 15.54 9.79
C ALA B 321 31.21 14.99 11.00
N MET B 322 31.27 13.65 11.05
CA MET B 322 31.89 12.95 12.15
C MET B 322 33.40 13.17 12.22
N LEU B 323 34.05 13.29 11.07
CA LEU B 323 35.50 13.51 11.00
C LEU B 323 35.82 14.99 10.83
N GLN B 324 34.80 15.82 11.03
CA GLN B 324 34.94 17.28 10.98
C GLN B 324 35.70 17.71 9.72
N MET B 325 35.27 17.20 8.58
CA MET B 325 35.97 17.44 7.31
C MET B 325 35.42 18.64 6.55
N GLU B 326 34.20 19.04 6.90
CA GLU B 326 33.50 20.13 6.22
C GLU B 326 32.45 20.64 7.18
N GLU B 327 32.50 21.93 7.50
CA GLU B 327 31.54 22.51 8.46
C GLU B 327 30.19 22.81 7.83
N ASP B 328 30.14 22.93 6.51
CA ASP B 328 28.93 23.40 5.82
C ASP B 328 28.20 22.19 5.25
N ASN B 329 27.05 21.82 5.83
CA ASN B 329 26.31 20.65 5.33
C ASN B 329 26.07 20.69 3.83
N PHE B 330 25.62 21.84 3.33
CA PHE B 330 25.32 21.94 1.89
C PHE B 330 26.52 21.80 0.98
N LYS B 331 27.69 22.15 1.49
CA LYS B 331 28.91 21.93 0.71
C LYS B 331 29.26 20.45 0.63
N SER B 332 29.11 19.72 1.72
CA SER B 332 29.30 18.26 1.70
C SER B 332 28.28 17.59 0.77
N ILE B 333 27.01 17.94 0.94
CA ILE B 333 25.95 17.44 0.05
C ILE B 333 26.30 17.64 -1.43
N GLU B 334 26.69 18.86 -1.80
CA GLU B 334 26.98 19.17 -3.20
C GLU B 334 28.17 18.34 -3.67
N LYS B 335 29.18 18.24 -2.81
CA LYS B 335 30.38 17.49 -3.14
C LYS B 335 30.06 16.00 -3.31
N THR B 336 29.35 15.45 -2.32
CA THR B 336 28.94 14.04 -2.38
C THR B 336 28.17 13.81 -3.67
N ASN B 337 27.18 14.66 -3.94
CA ASN B 337 26.30 14.47 -5.13
C ASN B 337 27.07 14.54 -6.43
N LYS B 338 27.95 15.54 -6.53
CA LYS B 338 28.77 15.68 -7.74
C LYS B 338 29.61 14.40 -8.03
N ALA B 339 30.28 13.89 -7.01
CA ALA B 339 31.11 12.68 -7.12
C ALA B 339 30.28 11.45 -7.51
N MET B 340 29.06 11.34 -6.98
CA MET B 340 28.20 10.18 -7.29
C MET B 340 27.40 10.31 -8.59
N GLY B 341 27.32 11.52 -9.11
CA GLY B 341 26.57 11.81 -10.33
C GLY B 341 25.06 11.89 -10.10
N ILE B 342 24.65 12.41 -8.95
CA ILE B 342 23.23 12.45 -8.60
C ILE B 342 22.80 13.87 -8.30
N GLN B 343 21.49 14.06 -8.14
CA GLN B 343 20.92 15.37 -7.80
C GLN B 343 20.42 15.33 -6.36
#